data_3O06
#
_entry.id   3O06
#
_cell.length_a   59.313
_cell.length_b   110.376
_cell.length_c   156.393
_cell.angle_alpha   90.00
_cell.angle_beta   90.00
_cell.angle_gamma   90.00
#
_symmetry.space_group_name_H-M   'P 2 21 21'
#
loop_
_entity.id
_entity.type
_entity.pdbx_description
1 polymer 'Pyridoxine biosynthesis protein SNZ1'
2 water water
#
_entity_poly.entity_id   1
_entity_poly.type   'polypeptide(L)'
_entity_poly.pdbx_seq_one_letter_code
;MHHHHHHGMLKGGVIMDVVTPEQAKIAEKSGACAVMALESIPADMRKSGKVCRMSDPKMIKDIMNSVSIPVMAKVRIGHF
VEAQIIEALEVDYIDESEVLTPADWTHHIEKDKFKVPFVCGAKDLGEALRRINEGAAMIRTKGEAGTGDVSEAVKHIRRI
TEEIKACQQLKSEDDIAKVAEEMRVPVSLLKDVLEKGKLPVVNFAAGGVATPADAALLMQLGCDGVFVGSGIFKSSNPVR
LATAVVEATTHFDNPSKLLEVSSDLGELMGGVSIESISHASNGVRLSEIGW
;
_entity_poly.pdbx_strand_id   A,B,C
#
# COMPACT_ATOMS: atom_id res chain seq x y z
N LEU A 10 -2.66 -42.26 -11.79
CA LEU A 10 -2.77 -41.31 -10.69
C LEU A 10 -2.39 -41.98 -9.36
N LYS A 11 -1.41 -42.87 -9.41
CA LYS A 11 -0.96 -43.58 -8.21
C LYS A 11 0.38 -43.04 -7.73
N GLY A 12 1.42 -43.84 -7.85
CA GLY A 12 2.75 -43.45 -7.43
C GLY A 12 3.72 -43.31 -8.58
N GLY A 13 4.96 -42.94 -8.28
CA GLY A 13 5.98 -42.76 -9.29
C GLY A 13 6.77 -41.49 -9.10
N VAL A 14 6.82 -40.66 -10.14
CA VAL A 14 7.56 -39.38 -10.09
C VAL A 14 6.93 -38.39 -11.02
N ILE A 15 6.70 -37.19 -10.51
CA ILE A 15 6.24 -36.06 -11.29
C ILE A 15 7.35 -35.05 -11.32
N MET A 16 7.66 -34.57 -12.52
CA MET A 16 8.80 -33.67 -12.69
C MET A 16 8.33 -32.31 -13.18
N ASP A 17 8.83 -31.27 -12.54
CA ASP A 17 8.65 -29.89 -13.07
C ASP A 17 9.39 -29.72 -14.37
N VAL A 18 8.74 -29.15 -15.38
CA VAL A 18 9.39 -28.93 -16.69
C VAL A 18 9.09 -27.51 -17.20
N VAL A 19 10.06 -26.87 -17.83
CA VAL A 19 9.86 -25.51 -18.30
C VAL A 19 9.81 -25.40 -19.82
N THR A 20 10.17 -26.50 -20.51
CA THR A 20 10.07 -26.51 -21.99
C THR A 20 9.52 -27.85 -22.45
N PRO A 21 9.02 -27.89 -23.69
CA PRO A 21 8.61 -29.16 -24.27
C PRO A 21 9.75 -30.23 -24.25
N GLU A 22 11.00 -29.78 -24.48
CA GLU A 22 12.17 -30.68 -24.47
C GLU A 22 12.45 -31.28 -23.08
N GLN A 23 12.23 -30.51 -22.03
CA GLN A 23 12.39 -31.04 -20.71
C GLN A 23 11.28 -32.10 -20.47
N ALA A 24 10.04 -31.82 -20.89
CA ALA A 24 8.97 -32.79 -20.71
C ALA A 24 9.34 -34.09 -21.42
N LYS A 25 9.82 -33.99 -22.67
CA LYS A 25 10.18 -35.17 -23.45
C LYS A 25 11.21 -35.99 -22.68
N ILE A 26 12.18 -35.29 -22.08
CA ILE A 26 13.14 -35.95 -21.24
C ILE A 26 12.47 -36.56 -20.03
N ALA A 27 11.55 -35.81 -19.41
CA ALA A 27 10.88 -36.40 -18.27
C ALA A 27 10.15 -37.69 -18.63
N GLU A 28 9.44 -37.69 -19.75
CA GLU A 28 8.72 -38.85 -20.23
C GLU A 28 9.65 -40.05 -20.53
N LYS A 29 10.66 -39.84 -21.33
CA LYS A 29 11.54 -40.95 -21.60
C LYS A 29 12.36 -41.46 -20.43
N SER A 30 12.51 -40.67 -19.36
CA SER A 30 13.12 -41.17 -18.17
C SER A 30 12.19 -42.07 -17.36
N GLY A 31 10.90 -42.08 -17.69
CA GLY A 31 9.91 -42.81 -16.88
C GLY A 31 9.06 -42.01 -15.86
N ALA A 32 9.07 -40.68 -15.91
CA ALA A 32 8.18 -39.89 -15.06
C ALA A 32 6.75 -40.36 -15.33
N CYS A 33 5.88 -40.37 -14.31
CA CYS A 33 4.48 -40.66 -14.51
C CYS A 33 3.63 -39.46 -14.92
N ALA A 34 4.07 -38.25 -14.62
CA ALA A 34 3.42 -37.02 -15.12
C ALA A 34 4.46 -35.91 -15.19
N VAL A 35 4.11 -34.82 -15.87
CA VAL A 35 4.83 -33.61 -15.71
C VAL A 35 4.05 -32.45 -15.14
N MET A 36 4.79 -31.50 -14.58
CA MET A 36 4.15 -30.27 -14.06
C MET A 36 4.71 -29.10 -14.86
N ALA A 37 3.88 -28.56 -15.72
CA ALA A 37 4.27 -27.52 -16.58
C ALA A 37 4.37 -26.20 -15.85
N LEU A 38 5.49 -25.53 -16.04
CA LEU A 38 5.90 -24.35 -15.30
C LEU A 38 6.65 -23.38 -16.22
N GLU A 39 6.37 -22.09 -16.22
CA GLU A 39 7.16 -21.21 -17.11
C GLU A 39 8.45 -20.69 -16.48
N SER A 40 8.50 -20.70 -15.16
CA SER A 40 9.73 -20.29 -14.45
C SER A 40 9.98 -21.27 -13.32
N ILE A 41 11.17 -21.23 -12.73
CA ILE A 41 11.46 -21.93 -11.48
C ILE A 41 11.22 -20.92 -10.38
N PRO A 42 10.30 -21.23 -9.46
CA PRO A 42 9.80 -20.19 -8.55
C PRO A 42 10.76 -19.77 -7.42
N ALA A 43 11.88 -20.47 -7.28
CA ALA A 43 12.95 -20.03 -6.39
C ALA A 43 13.63 -18.75 -6.93
N ASP A 44 13.90 -18.72 -8.25
CA ASP A 44 14.50 -17.57 -8.98
C ASP A 44 13.78 -16.25 -8.71
N MET A 45 12.43 -16.34 -8.64
CA MET A 45 11.48 -15.21 -8.62
C MET A 45 11.09 -14.67 -7.24
N ARG A 46 10.92 -15.55 -6.26
CA ARG A 46 10.64 -15.13 -4.90
C ARG A 46 11.82 -14.28 -4.41
N LYS A 47 13.02 -14.76 -4.73
CA LYS A 47 14.27 -14.03 -4.46
C LYS A 47 14.17 -12.60 -5.02
N SER A 48 13.78 -12.51 -6.29
CA SER A 48 13.57 -11.20 -6.95
C SER A 48 12.65 -10.30 -6.09
N GLY A 49 11.61 -10.90 -5.51
CA GLY A 49 10.53 -10.19 -4.75
C GLY A 49 9.18 -10.46 -5.44
N LYS A 50 9.26 -11.05 -6.53
CA LYS A 50 8.28 -11.03 -7.61
C LYS A 50 7.02 -11.83 -7.21
N VAL A 51 5.88 -11.53 -7.83
CA VAL A 51 4.65 -12.29 -7.69
C VAL A 51 4.73 -13.48 -8.64
N CYS A 52 4.51 -14.68 -8.16
CA CYS A 52 4.46 -15.80 -9.05
C CYS A 52 2.99 -16.21 -9.21
N ARG A 53 2.59 -16.34 -10.46
CA ARG A 53 1.20 -16.59 -10.89
C ARG A 53 1.11 -17.85 -11.79
N MET A 54 -0.10 -18.22 -12.16
CA MET A 54 -0.39 -19.20 -13.18
C MET A 54 0.54 -18.98 -14.37
N SER A 55 0.90 -20.02 -15.08
CA SER A 55 1.71 -19.85 -16.24
C SER A 55 0.83 -19.56 -17.45
N ASP A 56 1.42 -18.94 -18.45
CA ASP A 56 0.68 -18.54 -19.64
C ASP A 56 0.12 -19.82 -20.28
N PRO A 57 -1.18 -19.83 -20.57
CA PRO A 57 -1.71 -21.05 -21.19
C PRO A 57 -0.99 -21.59 -22.45
N LYS A 58 -0.44 -20.72 -23.28
CA LYS A 58 0.27 -21.21 -24.47
C LYS A 58 1.41 -22.16 -24.09
N MET A 59 2.24 -21.77 -23.13
CA MET A 59 3.39 -22.59 -22.81
C MET A 59 2.97 -23.88 -22.14
N ILE A 60 1.86 -23.86 -21.39
CA ILE A 60 1.35 -25.10 -20.82
C ILE A 60 0.91 -26.01 -21.97
N LYS A 61 0.19 -25.43 -22.94
CA LYS A 61 -0.34 -26.18 -24.07
C LYS A 61 0.80 -26.81 -24.91
N ASP A 62 1.80 -26.01 -25.24
CA ASP A 62 2.98 -26.50 -25.91
C ASP A 62 3.65 -27.69 -25.20
N ILE A 63 3.65 -27.69 -23.87
CA ILE A 63 4.07 -28.87 -23.12
C ILE A 63 3.05 -30.03 -23.28
N MET A 64 1.77 -29.73 -23.18
CA MET A 64 0.73 -30.79 -23.36
C MET A 64 0.86 -31.57 -24.67
N ASN A 65 1.32 -30.85 -25.70
CA ASN A 65 1.49 -31.38 -27.03
C ASN A 65 2.74 -32.25 -27.18
N SER A 66 3.68 -32.11 -26.25
CA SER A 66 4.97 -32.69 -26.50
C SER A 66 5.12 -34.09 -25.88
N VAL A 67 4.19 -34.50 -25.02
CA VAL A 67 4.30 -35.80 -24.29
C VAL A 67 2.93 -36.50 -24.23
N SER A 68 2.83 -37.78 -23.95
CA SER A 68 1.49 -38.32 -23.84
C SER A 68 1.09 -38.67 -22.39
N ILE A 69 2.04 -38.55 -21.46
CA ILE A 69 1.74 -38.66 -20.04
C ILE A 69 1.06 -37.40 -19.53
N PRO A 70 0.34 -37.50 -18.39
CA PRO A 70 -0.48 -36.44 -17.85
C PRO A 70 0.34 -35.16 -17.49
N VAL A 71 -0.28 -34.00 -17.70
CA VAL A 71 0.35 -32.71 -17.46
C VAL A 71 -0.42 -31.99 -16.34
N MET A 72 0.30 -31.54 -15.32
CA MET A 72 -0.26 -30.71 -14.28
C MET A 72 0.15 -29.23 -14.50
N ALA A 73 -0.58 -28.29 -13.88
CA ALA A 73 -0.19 -26.87 -13.84
C ALA A 73 -0.65 -26.33 -12.51
N LYS A 74 0.00 -25.26 -12.06
CA LYS A 74 -0.25 -24.61 -10.77
C LYS A 74 -1.10 -23.35 -10.86
N VAL A 75 -1.81 -23.07 -9.78
CA VAL A 75 -2.53 -21.82 -9.67
C VAL A 75 -2.26 -21.35 -8.26
N ARG A 76 -2.51 -20.08 -8.01
CA ARG A 76 -2.28 -19.53 -6.67
C ARG A 76 -3.43 -19.98 -5.78
N ILE A 77 -3.07 -20.12 -4.51
CA ILE A 77 -4.00 -20.49 -3.47
C ILE A 77 -5.17 -19.53 -3.53
N GLY A 78 -6.37 -20.08 -3.63
CA GLY A 78 -7.57 -19.22 -3.61
C GLY A 78 -7.90 -18.64 -4.98
N HIS A 79 -7.02 -18.82 -5.96
CA HIS A 79 -7.29 -18.15 -7.24
C HIS A 79 -8.16 -19.00 -8.13
N PHE A 80 -9.45 -18.92 -7.92
CA PHE A 80 -10.34 -19.89 -8.56
C PHE A 80 -10.57 -19.57 -10.03
N VAL A 81 -10.26 -18.36 -10.44
CA VAL A 81 -10.37 -18.01 -11.83
C VAL A 81 -9.15 -18.49 -12.61
N GLU A 82 -7.96 -18.41 -12.03
CA GLU A 82 -6.86 -19.13 -12.64
C GLU A 82 -7.24 -20.60 -12.80
N ALA A 83 -7.84 -21.20 -11.79
CA ALA A 83 -8.20 -22.62 -11.91
C ALA A 83 -9.29 -22.84 -12.99
N GLN A 84 -10.29 -21.94 -13.10
CA GLN A 84 -11.30 -22.00 -14.19
C GLN A 84 -10.61 -22.01 -15.58
N ILE A 85 -9.58 -21.16 -15.74
CA ILE A 85 -8.81 -21.09 -17.00
C ILE A 85 -7.98 -22.36 -17.29
N ILE A 86 -7.29 -22.86 -16.29
CA ILE A 86 -6.44 -24.01 -16.47
C ILE A 86 -7.39 -25.23 -16.70
N GLU A 87 -8.55 -25.24 -16.09
CA GLU A 87 -9.47 -26.30 -16.37
C GLU A 87 -9.98 -26.32 -17.80
N ALA A 88 -10.42 -25.16 -18.29
CA ALA A 88 -10.80 -24.99 -19.69
C ALA A 88 -9.72 -25.44 -20.68
N LEU A 89 -8.46 -25.27 -20.29
CA LEU A 89 -7.29 -25.72 -21.06
C LEU A 89 -7.17 -27.25 -21.12
N GLU A 90 -7.83 -27.94 -20.18
CA GLU A 90 -7.90 -29.39 -20.14
C GLU A 90 -6.56 -30.00 -19.72
N VAL A 91 -5.81 -29.29 -18.89
CA VAL A 91 -4.73 -29.98 -18.21
C VAL A 91 -5.31 -31.18 -17.45
N ASP A 92 -4.47 -32.13 -17.06
CA ASP A 92 -4.93 -33.30 -16.31
C ASP A 92 -5.09 -33.10 -14.80
N TYR A 93 -4.27 -32.26 -14.16
CA TYR A 93 -4.38 -31.97 -12.71
C TYR A 93 -4.03 -30.53 -12.48
N ILE A 94 -4.67 -29.93 -11.50
CA ILE A 94 -4.38 -28.59 -11.15
C ILE A 94 -3.71 -28.62 -9.77
N ASP A 95 -2.58 -27.96 -9.60
CA ASP A 95 -1.93 -27.96 -8.27
C ASP A 95 -2.11 -26.59 -7.64
N GLU A 96 -2.85 -26.53 -6.53
CA GLU A 96 -3.12 -25.29 -5.86
C GLU A 96 -1.95 -25.10 -4.97
N SER A 97 -1.05 -24.19 -5.36
CA SER A 97 0.30 -24.34 -4.88
C SER A 97 0.79 -23.18 -4.06
N GLU A 98 1.27 -23.49 -2.86
CA GLU A 98 1.91 -22.51 -1.96
C GLU A 98 3.29 -22.04 -2.45
N VAL A 99 3.84 -22.65 -3.49
CA VAL A 99 5.05 -22.13 -4.12
C VAL A 99 4.77 -20.84 -4.89
N LEU A 100 3.61 -20.76 -5.51
CA LEU A 100 3.13 -19.50 -6.06
C LEU A 100 2.73 -18.54 -4.94
N THR A 101 2.55 -17.25 -5.28
CA THR A 101 2.08 -16.20 -4.36
C THR A 101 0.58 -16.33 -4.06
N PRO A 102 0.21 -16.53 -2.80
CA PRO A 102 -1.19 -16.88 -2.59
C PRO A 102 -2.06 -15.69 -2.94
N ALA A 103 -3.19 -16.00 -3.60
CA ALA A 103 -4.21 -14.96 -4.02
C ALA A 103 -5.20 -14.67 -2.91
N ASP A 104 -5.48 -15.66 -2.07
CA ASP A 104 -6.48 -15.47 -1.01
C ASP A 104 -5.91 -16.16 0.21
N TRP A 105 -5.49 -15.36 1.20
CA TRP A 105 -4.89 -15.90 2.41
C TRP A 105 -5.94 -16.54 3.33
N THR A 106 -7.23 -16.46 2.99
CA THR A 106 -8.25 -17.01 3.89
C THR A 106 -9.06 -18.21 3.34
N HIS A 107 -9.06 -18.40 2.03
CA HIS A 107 -10.00 -19.30 1.42
C HIS A 107 -9.25 -19.96 0.33
N HIS A 108 -9.06 -21.26 0.45
CA HIS A 108 -8.60 -22.09 -0.65
C HIS A 108 -9.77 -22.25 -1.64
N ILE A 109 -9.43 -22.61 -2.87
CA ILE A 109 -10.41 -22.83 -3.91
C ILE A 109 -11.40 -23.95 -3.51
N GLU A 110 -12.64 -23.81 -3.97
CA GLU A 110 -13.70 -24.81 -3.77
C GLU A 110 -13.58 -25.84 -4.85
N LYS A 111 -12.78 -26.85 -4.58
CA LYS A 111 -12.30 -27.71 -5.62
C LYS A 111 -13.34 -28.73 -6.04
N ASP A 112 -14.27 -29.02 -5.15
CA ASP A 112 -15.33 -29.95 -5.44
C ASP A 112 -16.28 -29.39 -6.49
N LYS A 113 -16.11 -28.14 -6.85
CA LYS A 113 -16.88 -27.54 -7.95
C LYS A 113 -16.20 -27.69 -9.30
N PHE A 114 -15.04 -28.33 -9.37
CA PHE A 114 -14.36 -28.49 -10.66
C PHE A 114 -14.46 -29.94 -11.08
N LYS A 115 -14.38 -30.19 -12.38
CA LYS A 115 -14.26 -31.59 -12.83
C LYS A 115 -12.80 -32.03 -12.75
N VAL A 116 -11.86 -31.12 -13.01
CA VAL A 116 -10.42 -31.53 -12.96
C VAL A 116 -9.95 -31.78 -11.51
N PRO A 117 -9.17 -32.83 -11.27
CA PRO A 117 -8.68 -33.08 -9.94
C PRO A 117 -7.54 -32.12 -9.54
N PHE A 118 -7.43 -31.88 -8.24
CA PHE A 118 -6.51 -30.92 -7.66
C PHE A 118 -5.51 -31.58 -6.77
N VAL A 119 -4.27 -31.08 -6.69
CA VAL A 119 -3.37 -31.48 -5.67
C VAL A 119 -3.12 -30.32 -4.73
N CYS A 120 -3.09 -30.61 -3.41
CA CYS A 120 -2.76 -29.58 -2.46
C CYS A 120 -1.69 -30.04 -1.51
N GLY A 121 -1.02 -29.07 -0.89
CA GLY A 121 0.02 -29.28 0.08
C GLY A 121 -0.50 -29.39 1.48
N ALA A 122 0.23 -30.02 2.38
CA ALA A 122 -0.23 -30.11 3.76
C ALA A 122 1.02 -30.32 4.59
N LYS A 123 1.08 -29.74 5.77
CA LYS A 123 2.20 -30.00 6.63
C LYS A 123 1.79 -30.80 7.83
N ASP A 124 0.48 -30.98 8.03
CA ASP A 124 0.02 -31.78 9.20
C ASP A 124 -1.32 -32.40 8.89
N LEU A 125 -1.89 -33.08 9.85
CA LEU A 125 -3.09 -33.87 9.58
C LEU A 125 -4.29 -32.95 9.33
N GLY A 126 -4.45 -31.89 10.16
CA GLY A 126 -5.57 -30.94 10.01
C GLY A 126 -5.63 -30.31 8.63
N GLU A 127 -4.51 -29.76 8.21
CA GLU A 127 -4.34 -29.17 6.89
C GLU A 127 -4.67 -30.18 5.80
N ALA A 128 -4.13 -31.39 5.88
CA ALA A 128 -4.50 -32.39 4.86
C ALA A 128 -6.03 -32.59 4.85
N LEU A 129 -6.65 -32.80 6.02
CA LEU A 129 -8.08 -33.03 6.02
C LEU A 129 -8.88 -31.83 5.50
N ARG A 130 -8.46 -30.60 5.85
CA ARG A 130 -9.14 -29.47 5.31
C ARG A 130 -8.99 -29.42 3.80
N ARG A 131 -7.81 -29.71 3.23
CA ARG A 131 -7.72 -29.68 1.76
C ARG A 131 -8.56 -30.77 1.11
N ILE A 132 -8.55 -31.98 1.66
CA ILE A 132 -9.41 -33.04 1.16
C ILE A 132 -10.90 -32.65 1.29
N ASN A 133 -11.25 -32.05 2.42
CA ASN A 133 -12.63 -31.66 2.68
C ASN A 133 -13.09 -30.66 1.61
N GLU A 134 -12.19 -29.78 1.18
CA GLU A 134 -12.52 -28.80 0.14
C GLU A 134 -12.56 -29.44 -1.27
N GLY A 135 -12.14 -30.71 -1.38
CA GLY A 135 -12.25 -31.54 -2.58
C GLY A 135 -10.89 -31.94 -3.23
N ALA A 136 -9.76 -31.61 -2.61
CA ALA A 136 -8.47 -32.08 -3.13
C ALA A 136 -8.54 -33.59 -3.45
N ALA A 137 -7.98 -33.98 -4.58
CA ALA A 137 -7.88 -35.40 -4.94
C ALA A 137 -6.51 -35.98 -4.55
N MET A 138 -5.58 -35.14 -4.15
CA MET A 138 -4.24 -35.58 -3.91
C MET A 138 -3.59 -34.60 -2.97
N ILE A 139 -2.84 -35.15 -2.06
CA ILE A 139 -2.09 -34.37 -1.08
C ILE A 139 -0.63 -34.55 -1.34
N ARG A 140 0.09 -33.48 -1.21
CA ARG A 140 1.50 -33.64 -1.19
C ARG A 140 2.01 -32.99 0.05
N THR A 141 3.10 -33.53 0.53
CA THR A 141 3.70 -33.03 1.74
C THR A 141 4.37 -31.70 1.36
N LYS A 142 4.68 -30.84 2.28
CA LYS A 142 4.99 -29.55 1.74
C LYS A 142 6.50 -29.41 1.47
N GLY A 143 7.36 -29.95 2.32
CA GLY A 143 8.78 -29.79 2.00
C GLY A 143 9.21 -28.31 1.92
N GLU A 144 10.49 -28.09 1.66
CA GLU A 144 11.04 -26.77 1.51
C GLU A 144 11.51 -26.67 0.06
N ALA A 145 10.74 -25.96 -0.77
CA ALA A 145 11.03 -25.96 -2.20
C ALA A 145 12.19 -25.00 -2.51
N GLY A 146 13.04 -25.41 -3.43
CA GLY A 146 14.19 -24.62 -3.74
C GLY A 146 15.46 -25.16 -3.11
N THR A 147 15.43 -25.48 -1.81
CA THR A 147 16.65 -25.64 -1.03
C THR A 147 17.44 -26.93 -1.30
N GLY A 148 16.81 -27.88 -1.98
CA GLY A 148 17.31 -29.22 -2.03
C GLY A 148 17.44 -29.92 -0.65
N ASP A 149 16.80 -29.40 0.40
CA ASP A 149 16.94 -30.03 1.74
C ASP A 149 15.68 -30.85 2.08
N VAL A 150 15.86 -32.12 2.27
CA VAL A 150 14.77 -33.06 2.28
C VAL A 150 14.05 -33.05 3.67
N SER A 151 14.58 -32.32 4.64
CA SER A 151 14.13 -32.54 6.00
C SER A 151 12.76 -31.97 6.26
N GLU A 152 12.30 -31.01 5.48
CA GLU A 152 10.95 -30.45 5.72
C GLU A 152 9.87 -31.43 5.25
N ALA A 153 10.10 -32.06 4.11
CA ALA A 153 9.25 -33.12 3.62
C ALA A 153 9.20 -34.26 4.66
N VAL A 154 10.36 -34.65 5.17
CA VAL A 154 10.41 -35.77 6.13
C VAL A 154 9.62 -35.35 7.35
N LYS A 155 9.79 -34.10 7.78
CA LYS A 155 9.10 -33.62 8.94
C LYS A 155 7.59 -33.74 8.78
N HIS A 156 7.09 -33.42 7.60
CA HIS A 156 5.67 -33.31 7.43
C HIS A 156 5.09 -34.72 7.32
N ILE A 157 5.77 -35.63 6.62
CA ILE A 157 5.30 -37.01 6.52
C ILE A 157 5.26 -37.64 7.94
N ARG A 158 6.29 -37.43 8.70
CA ARG A 158 6.33 -37.91 10.07
C ARG A 158 5.28 -37.29 10.99
N ARG A 159 4.99 -36.03 10.76
CA ARG A 159 3.98 -35.35 11.51
C ARG A 159 2.60 -35.91 11.28
N ILE A 160 2.28 -36.17 10.05
CA ILE A 160 0.98 -36.63 9.75
C ILE A 160 0.76 -38.01 10.32
N THR A 161 1.69 -38.89 10.04
CA THR A 161 1.72 -40.21 10.63
C THR A 161 1.58 -40.18 12.16
N GLU A 162 2.33 -39.31 12.82
CA GLU A 162 2.38 -39.39 14.25
C GLU A 162 1.04 -38.92 14.86
N GLU A 163 0.42 -37.90 14.23
CA GLU A 163 -0.90 -37.36 14.60
C GLU A 163 -2.05 -38.38 14.40
N ILE A 164 -1.98 -39.17 13.33
CA ILE A 164 -2.92 -40.24 13.13
C ILE A 164 -2.79 -41.24 14.29
N LYS A 165 -1.54 -41.60 14.62
CA LYS A 165 -1.30 -42.61 15.64
C LYS A 165 -1.81 -42.07 16.98
N ALA A 166 -1.56 -40.80 17.28
CA ALA A 166 -2.06 -40.27 18.54
C ALA A 166 -3.60 -40.12 18.56
N CYS A 167 -4.23 -39.58 17.52
CA CYS A 167 -5.70 -39.57 17.48
C CYS A 167 -6.33 -40.96 17.64
N GLN A 168 -5.68 -41.98 17.07
CA GLN A 168 -5.97 -43.40 17.31
C GLN A 168 -6.02 -43.82 18.81
N GLN A 169 -5.30 -43.10 19.70
CA GLN A 169 -5.31 -43.49 21.14
C GLN A 169 -6.55 -43.00 21.88
N LEU A 170 -7.27 -42.06 21.28
CA LEU A 170 -8.40 -41.43 21.96
C LEU A 170 -9.51 -42.46 22.11
N LYS A 171 -9.97 -42.70 23.31
CA LYS A 171 -11.03 -43.66 23.49
C LYS A 171 -12.40 -43.01 23.38
N SER A 172 -12.52 -41.74 23.66
CA SER A 172 -13.84 -41.12 23.61
C SER A 172 -14.19 -40.55 22.24
N GLU A 173 -15.36 -40.91 21.72
CA GLU A 173 -15.96 -40.28 20.54
C GLU A 173 -16.16 -38.77 20.68
N ASP A 174 -16.49 -38.28 21.88
CA ASP A 174 -16.60 -36.82 22.06
C ASP A 174 -15.25 -36.20 21.83
N ASP A 175 -14.19 -36.84 22.35
CA ASP A 175 -12.85 -36.28 22.15
C ASP A 175 -12.49 -36.32 20.65
N ILE A 176 -12.87 -37.38 19.95
CA ILE A 176 -12.58 -37.44 18.51
C ILE A 176 -13.29 -36.27 17.77
N ALA A 177 -14.55 -36.02 18.13
CA ALA A 177 -15.30 -34.91 17.58
C ALA A 177 -14.68 -33.55 17.88
N LYS A 178 -14.19 -33.39 19.11
CA LYS A 178 -13.51 -32.17 19.50
C LYS A 178 -12.22 -31.97 18.63
N VAL A 179 -11.48 -33.06 18.37
CA VAL A 179 -10.38 -32.94 17.41
C VAL A 179 -10.84 -32.49 16.00
N ALA A 180 -11.94 -33.05 15.50
CA ALA A 180 -12.41 -32.77 14.14
C ALA A 180 -12.78 -31.30 14.06
N GLU A 181 -13.30 -30.80 15.17
CA GLU A 181 -13.82 -29.48 15.17
C GLU A 181 -12.69 -28.46 15.23
N GLU A 182 -11.66 -28.73 16.04
CA GLU A 182 -10.49 -27.89 16.03
C GLU A 182 -9.90 -27.91 14.59
N MET A 183 -10.04 -29.03 13.87
CA MET A 183 -9.42 -29.10 12.53
C MET A 183 -10.30 -28.43 11.52
N ARG A 184 -11.56 -28.22 11.91
CA ARG A 184 -12.57 -27.65 11.01
C ARG A 184 -12.95 -28.61 9.89
N VAL A 185 -13.07 -29.87 10.23
CA VAL A 185 -13.45 -30.86 9.25
C VAL A 185 -14.53 -31.79 9.79
N PRO A 186 -15.35 -32.39 8.90
CA PRO A 186 -16.39 -33.33 9.43
C PRO A 186 -15.79 -34.48 10.20
N VAL A 187 -16.40 -34.80 11.32
CA VAL A 187 -15.91 -35.90 12.14
C VAL A 187 -15.82 -37.26 11.39
N SER A 188 -16.74 -37.50 10.44
CA SER A 188 -16.73 -38.73 9.64
C SER A 188 -15.42 -38.85 8.81
N LEU A 189 -14.87 -37.73 8.36
CA LEU A 189 -13.58 -37.70 7.68
C LEU A 189 -12.44 -38.04 8.66
N LEU A 190 -12.37 -37.39 9.82
CA LEU A 190 -11.31 -37.77 10.73
C LEU A 190 -11.45 -39.25 11.16
N LYS A 191 -12.69 -39.68 11.50
CA LYS A 191 -12.97 -41.08 11.85
C LYS A 191 -12.47 -42.11 10.78
N ASP A 192 -12.70 -41.85 9.50
CA ASP A 192 -12.15 -42.71 8.48
C ASP A 192 -10.58 -42.83 8.47
N VAL A 193 -9.90 -41.71 8.61
CA VAL A 193 -8.46 -41.73 8.72
C VAL A 193 -8.02 -42.56 9.94
N LEU A 194 -8.68 -42.44 11.07
CA LEU A 194 -8.25 -43.16 12.28
C LEU A 194 -8.39 -44.67 12.18
N GLU A 195 -9.43 -45.09 11.44
CA GLU A 195 -9.81 -46.51 11.28
C GLU A 195 -8.86 -47.19 10.30
N LYS A 196 -8.64 -46.50 9.19
CA LYS A 196 -7.76 -46.95 8.14
C LYS A 196 -6.28 -46.62 8.36
N GLY A 197 -5.93 -45.71 9.27
CA GLY A 197 -4.51 -45.47 9.51
C GLY A 197 -3.84 -44.66 8.43
N LYS A 198 -4.61 -43.97 7.61
CA LYS A 198 -4.11 -43.24 6.47
C LYS A 198 -5.16 -42.32 5.86
N LEU A 199 -4.64 -41.32 5.14
CA LEU A 199 -5.43 -40.39 4.36
C LEU A 199 -6.18 -41.20 3.32
N PRO A 200 -7.40 -40.75 2.97
CA PRO A 200 -8.23 -41.41 1.99
C PRO A 200 -7.81 -41.07 0.57
N VAL A 201 -6.77 -40.24 0.38
CA VAL A 201 -6.21 -40.02 -1.01
C VAL A 201 -4.72 -40.29 -1.03
N VAL A 202 -4.12 -40.41 -2.21
CA VAL A 202 -2.67 -40.58 -2.26
C VAL A 202 -1.94 -39.36 -1.74
N ASN A 203 -0.79 -39.64 -1.14
CA ASN A 203 0.06 -38.61 -0.55
C ASN A 203 1.49 -38.68 -1.12
N PHE A 204 1.88 -37.65 -1.87
CA PHE A 204 3.23 -37.56 -2.48
C PHE A 204 4.18 -36.64 -1.71
N ALA A 205 5.47 -36.94 -1.67
CA ALA A 205 6.44 -35.98 -1.12
C ALA A 205 6.83 -34.96 -2.19
N ALA A 206 6.95 -33.71 -1.78
CA ALA A 206 7.46 -32.67 -2.65
C ALA A 206 8.29 -31.76 -1.76
N GLY A 207 9.20 -31.00 -2.37
CA GLY A 207 9.99 -29.99 -1.70
C GLY A 207 11.28 -30.58 -1.17
N GLY A 208 12.39 -30.32 -1.84
CA GLY A 208 13.70 -30.79 -1.32
C GLY A 208 14.11 -32.21 -1.70
N VAL A 209 13.41 -32.86 -2.64
CA VAL A 209 13.85 -34.18 -3.07
C VAL A 209 14.95 -33.97 -4.10
N ALA A 210 16.20 -34.04 -3.66
CA ALA A 210 17.28 -33.73 -4.54
C ALA A 210 17.94 -35.00 -5.15
N THR A 211 18.11 -36.06 -4.37
CA THR A 211 18.89 -37.22 -4.83
C THR A 211 18.07 -38.49 -4.93
N PRO A 212 18.57 -39.48 -5.69
CA PRO A 212 17.83 -40.72 -5.66
C PRO A 212 17.58 -41.22 -4.24
N ALA A 213 18.54 -41.05 -3.34
CA ALA A 213 18.33 -41.53 -1.97
C ALA A 213 17.18 -40.80 -1.30
N ASP A 214 16.98 -39.52 -1.62
CA ASP A 214 15.91 -38.72 -1.00
C ASP A 214 14.54 -39.28 -1.42
N ALA A 215 14.36 -39.53 -2.72
CA ALA A 215 13.13 -40.14 -3.28
C ALA A 215 12.83 -41.41 -2.49
N ALA A 216 13.81 -42.31 -2.43
CA ALA A 216 13.59 -43.61 -1.78
C ALA A 216 13.41 -43.45 -0.28
N LEU A 217 14.06 -42.50 0.35
CA LEU A 217 13.72 -42.25 1.73
C LEU A 217 12.19 -41.98 1.88
N LEU A 218 11.61 -41.12 1.05
CA LEU A 218 10.27 -40.68 1.32
C LEU A 218 9.29 -41.80 1.06
N MET A 219 9.56 -42.62 0.02
CA MET A 219 8.76 -43.81 -0.22
C MET A 219 8.83 -44.77 0.99
N GLN A 220 10.01 -44.97 1.59
CA GLN A 220 10.12 -45.88 2.76
C GLN A 220 9.38 -45.32 3.94
N LEU A 221 9.21 -44.00 4.01
CA LEU A 221 8.41 -43.37 5.02
C LEU A 221 6.93 -43.48 4.72
N GLY A 222 6.56 -44.11 3.60
CA GLY A 222 5.12 -44.33 3.28
C GLY A 222 4.44 -43.44 2.21
N CYS A 223 5.18 -42.50 1.62
CA CYS A 223 4.61 -41.62 0.56
C CYS A 223 4.22 -42.50 -0.58
N ASP A 224 3.33 -42.07 -1.45
CA ASP A 224 2.94 -42.88 -2.59
C ASP A 224 3.67 -42.46 -3.81
N GLY A 225 4.50 -41.43 -3.72
CA GLY A 225 5.13 -40.90 -4.92
C GLY A 225 5.95 -39.64 -4.58
N VAL A 226 6.60 -39.04 -5.57
CA VAL A 226 7.44 -37.89 -5.28
C VAL A 226 7.56 -36.87 -6.42
N PHE A 227 7.19 -35.64 -6.14
CA PHE A 227 7.42 -34.52 -7.04
C PHE A 227 8.89 -34.14 -6.93
N VAL A 228 9.50 -33.85 -8.07
CA VAL A 228 10.86 -33.29 -8.11
C VAL A 228 10.87 -32.00 -8.94
N GLY A 229 11.67 -31.05 -8.49
CA GLY A 229 11.80 -29.73 -9.11
C GLY A 229 12.77 -29.62 -10.26
N SER A 230 12.90 -28.40 -10.78
CA SER A 230 13.85 -28.08 -11.88
C SER A 230 15.31 -28.38 -11.55
N GLY A 231 15.64 -28.52 -10.26
CA GLY A 231 16.94 -29.08 -9.85
C GLY A 231 17.47 -30.25 -10.70
N ILE A 232 16.58 -31.14 -11.16
CA ILE A 232 16.96 -32.19 -12.12
C ILE A 232 17.61 -31.52 -13.30
N PHE A 233 17.06 -30.41 -13.78
CA PHE A 233 17.58 -29.87 -15.04
C PHE A 233 18.80 -28.94 -14.91
N LYS A 234 19.11 -28.53 -13.68
CA LYS A 234 20.37 -27.80 -13.42
C LYS A 234 21.58 -28.74 -13.34
N SER A 235 21.32 -30.05 -13.27
CA SER A 235 22.39 -31.00 -13.07
C SER A 235 23.20 -31.24 -14.35
N SER A 236 24.38 -31.81 -14.16
CA SER A 236 25.33 -32.02 -15.24
C SER A 236 24.84 -32.99 -16.34
N ASN A 237 23.93 -33.92 -15.97
CA ASN A 237 23.38 -34.95 -16.90
C ASN A 237 21.92 -35.36 -16.58
N PRO A 238 20.94 -34.77 -17.30
CA PRO A 238 19.53 -34.68 -16.86
C PRO A 238 18.78 -36.00 -16.95
N VAL A 239 18.83 -36.60 -18.14
CA VAL A 239 18.35 -37.94 -18.41
C VAL A 239 18.86 -38.84 -17.31
N ARG A 240 20.14 -38.70 -16.95
CA ARG A 240 20.71 -39.69 -16.03
C ARG A 240 20.17 -39.46 -14.63
N LEU A 241 20.10 -38.20 -14.19
CA LEU A 241 19.54 -37.93 -12.87
C LEU A 241 18.00 -38.22 -12.76
N ALA A 242 17.26 -37.83 -13.77
CA ALA A 242 15.83 -38.09 -13.82
C ALA A 242 15.54 -39.61 -13.78
N THR A 243 16.30 -40.39 -14.54
CA THR A 243 16.17 -41.87 -14.60
C THR A 243 16.56 -42.48 -13.28
N ALA A 244 17.65 -41.99 -12.69
CA ALA A 244 17.98 -42.47 -11.33
C ALA A 244 16.85 -42.19 -10.27
N VAL A 245 16.23 -40.99 -10.33
CA VAL A 245 15.20 -40.67 -9.37
C VAL A 245 13.98 -41.62 -9.56
N VAL A 246 13.56 -41.82 -10.83
CA VAL A 246 12.48 -42.78 -11.20
C VAL A 246 12.83 -44.21 -10.73
N GLU A 247 14.03 -44.69 -11.04
CA GLU A 247 14.44 -45.99 -10.60
C GLU A 247 14.45 -46.13 -9.08
N ALA A 248 14.89 -45.10 -8.38
CA ALA A 248 14.91 -45.16 -6.93
C ALA A 248 13.50 -45.12 -6.36
N THR A 249 12.59 -44.45 -7.04
CA THR A 249 11.20 -44.36 -6.59
C THR A 249 10.52 -45.67 -6.77
N THR A 250 10.79 -46.31 -7.89
CA THR A 250 10.32 -47.66 -8.11
C THR A 250 10.94 -48.72 -7.20
N HIS A 251 12.27 -48.73 -7.11
CA HIS A 251 12.97 -49.76 -6.33
C HIS A 251 13.37 -49.26 -4.93
N PHE A 252 12.49 -48.51 -4.31
CA PHE A 252 12.77 -47.84 -3.06
C PHE A 252 13.26 -48.72 -1.94
N ASP A 253 13.10 -50.00 -2.10
CA ASP A 253 13.37 -50.98 -1.12
C ASP A 253 14.52 -51.89 -1.44
N ASN A 254 15.31 -51.54 -2.43
CA ASN A 254 16.40 -52.35 -2.89
C ASN A 254 17.75 -51.64 -2.80
N PRO A 255 18.49 -51.88 -1.73
CA PRO A 255 19.77 -51.17 -1.44
C PRO A 255 20.77 -51.21 -2.55
N SER A 256 21.04 -52.38 -3.11
CA SER A 256 22.03 -52.50 -4.17
C SER A 256 21.70 -51.77 -5.48
N LYS A 257 20.43 -51.71 -5.80
CA LYS A 257 19.94 -50.91 -6.96
C LYS A 257 20.05 -49.41 -6.59
N LEU A 258 19.78 -49.08 -5.34
CA LEU A 258 19.91 -47.68 -4.91
C LEU A 258 21.38 -47.27 -5.02
N LEU A 259 22.28 -48.20 -4.66
CA LEU A 259 23.70 -47.97 -4.82
C LEU A 259 24.03 -47.76 -6.27
N GLU A 260 23.66 -48.71 -7.13
CA GLU A 260 23.95 -48.58 -8.56
C GLU A 260 23.45 -47.24 -9.15
N VAL A 261 22.23 -46.80 -8.86
CA VAL A 261 21.79 -45.56 -9.54
C VAL A 261 22.35 -44.27 -8.97
N SER A 262 22.91 -44.33 -7.75
CA SER A 262 23.43 -43.16 -7.08
C SER A 262 24.90 -42.93 -7.39
N SER A 263 25.56 -43.92 -7.95
CA SER A 263 27.00 -43.84 -8.13
C SER A 263 27.33 -43.07 -9.40
N ASP A 264 28.35 -42.20 -9.32
CA ASP A 264 28.86 -41.45 -10.47
C ASP A 264 27.73 -40.59 -11.08
N LEU A 265 26.98 -39.91 -10.22
CA LEU A 265 25.98 -38.95 -10.62
C LEU A 265 26.53 -37.57 -10.87
N GLY A 266 27.76 -37.30 -10.43
CA GLY A 266 28.45 -36.04 -10.77
C GLY A 266 27.87 -34.79 -10.11
N GLU A 267 27.83 -33.67 -10.84
CA GLU A 267 27.31 -32.40 -10.26
C GLU A 267 25.82 -32.52 -9.92
N LEU B 10 -20.15 3.80 -13.94
CA LEU B 10 -18.91 3.09 -14.40
C LEU B 10 -18.95 1.62 -14.04
N LYS B 11 -20.08 1.21 -13.46
CA LYS B 11 -20.27 -0.17 -13.04
C LYS B 11 -20.07 -1.16 -14.23
N GLY B 12 -19.38 -2.28 -13.94
CA GLY B 12 -18.95 -3.28 -14.94
C GLY B 12 -17.66 -2.89 -15.70
N GLY B 13 -16.99 -1.83 -15.25
CA GLY B 13 -15.97 -1.19 -16.07
C GLY B 13 -14.53 -1.20 -15.56
N VAL B 14 -13.63 -0.80 -16.44
CA VAL B 14 -12.23 -0.70 -16.05
C VAL B 14 -11.72 0.73 -16.15
N ILE B 15 -11.05 1.18 -15.08
CA ILE B 15 -10.39 2.45 -15.07
C ILE B 15 -8.89 2.25 -15.10
N MET B 16 -8.22 2.92 -16.01
CA MET B 16 -6.80 2.75 -16.16
C MET B 16 -6.06 4.05 -15.81
N ASP B 17 -4.95 3.89 -15.11
CA ASP B 17 -3.97 4.94 -14.91
C ASP B 17 -3.22 5.26 -16.19
N VAL B 18 -3.14 6.54 -16.52
CA VAL B 18 -2.43 6.96 -17.70
C VAL B 18 -1.54 8.13 -17.37
N VAL B 19 -0.37 8.17 -17.99
CA VAL B 19 0.58 9.23 -17.69
C VAL B 19 0.79 10.17 -18.86
N THR B 20 0.23 9.84 -20.02
CA THR B 20 0.30 10.74 -21.15
C THR B 20 -1.00 10.70 -21.91
N PRO B 21 -1.23 11.72 -22.73
CA PRO B 21 -2.37 11.69 -23.65
C PRO B 21 -2.41 10.42 -24.50
N GLU B 22 -1.27 9.96 -24.97
CA GLU B 22 -1.28 8.83 -25.87
C GLU B 22 -1.67 7.56 -25.14
N GLN B 23 -1.29 7.44 -23.86
CA GLN B 23 -1.70 6.32 -23.04
C GLN B 23 -3.21 6.34 -22.80
N ALA B 24 -3.76 7.52 -22.48
CA ALA B 24 -5.19 7.73 -22.40
C ALA B 24 -5.88 7.24 -23.68
N LYS B 25 -5.36 7.60 -24.87
CA LYS B 25 -6.00 7.20 -26.12
C LYS B 25 -5.98 5.66 -26.30
N ILE B 26 -4.87 5.05 -25.91
CA ILE B 26 -4.80 3.59 -25.84
C ILE B 26 -5.79 3.03 -24.82
N ALA B 27 -5.94 3.70 -23.67
CA ALA B 27 -6.92 3.22 -22.68
C ALA B 27 -8.32 3.25 -23.27
N GLU B 28 -8.64 4.36 -23.91
CA GLU B 28 -9.97 4.58 -24.44
C GLU B 28 -10.25 3.58 -25.57
N LYS B 29 -9.30 3.42 -26.47
CA LYS B 29 -9.53 2.46 -27.52
C LYS B 29 -9.53 0.98 -27.08
N SER B 30 -9.01 0.69 -25.91
CA SER B 30 -9.04 -0.67 -25.37
C SER B 30 -10.39 -1.03 -24.76
N GLY B 31 -11.23 -0.04 -24.51
CA GLY B 31 -12.49 -0.25 -23.78
C GLY B 31 -12.63 0.38 -22.38
N ALA B 32 -11.61 1.07 -21.85
CA ALA B 32 -11.73 1.66 -20.52
C ALA B 32 -12.99 2.53 -20.37
N CYS B 33 -13.60 2.49 -19.20
CA CYS B 33 -14.73 3.30 -18.93
C CYS B 33 -14.30 4.69 -18.52
N ALA B 34 -13.07 4.79 -18.02
CA ALA B 34 -12.52 6.07 -17.55
C ALA B 34 -11.04 5.93 -17.46
N VAL B 35 -10.36 7.06 -17.38
CA VAL B 35 -8.96 7.05 -17.11
C VAL B 35 -8.59 7.85 -15.88
N MET B 36 -7.44 7.53 -15.30
CA MET B 36 -7.03 8.25 -14.11
C MET B 36 -5.75 8.93 -14.49
N ALA B 37 -5.76 10.26 -14.48
CA ALA B 37 -4.61 11.02 -14.94
C ALA B 37 -3.65 11.16 -13.80
N LEU B 38 -2.40 10.85 -13.98
CA LEU B 38 -1.43 11.11 -12.98
C LEU B 38 -0.06 11.23 -13.56
N GLU B 39 0.79 12.01 -12.89
CA GLU B 39 2.16 12.22 -13.34
C GLU B 39 2.98 10.93 -13.24
N SER B 40 3.22 10.48 -12.01
CA SER B 40 3.98 9.27 -11.78
C SER B 40 3.06 8.11 -11.36
N ILE B 41 3.67 7.04 -10.85
CA ILE B 41 2.91 5.87 -10.41
C ILE B 41 3.36 5.40 -9.04
N PRO B 42 2.88 6.09 -8.02
CA PRO B 42 3.71 6.32 -6.83
C PRO B 42 5.16 5.78 -6.99
N ALA B 43 5.18 4.47 -6.80
CA ALA B 43 6.21 3.45 -6.78
C ALA B 43 7.60 4.08 -6.92
N ASP B 44 8.05 4.23 -8.16
CA ASP B 44 9.36 4.82 -8.43
C ASP B 44 9.71 5.90 -7.41
N MET B 45 8.68 6.48 -6.80
CA MET B 45 8.88 7.53 -5.81
C MET B 45 8.82 6.97 -4.40
N ARG B 46 8.03 5.90 -4.22
CA ARG B 46 7.89 5.27 -2.91
C ARG B 46 9.22 4.67 -2.47
N LYS B 47 9.83 3.89 -3.35
CA LYS B 47 11.13 3.30 -3.06
C LYS B 47 12.22 4.35 -3.02
N SER B 48 11.89 5.55 -3.47
CA SER B 48 12.86 6.68 -3.49
C SER B 48 12.81 7.48 -2.16
N GLY B 49 11.61 7.97 -1.80
CA GLY B 49 11.38 8.74 -0.56
C GLY B 49 10.48 9.99 -0.69
N LYS B 50 10.24 10.41 -1.92
CA LYS B 50 9.63 11.72 -2.18
C LYS B 50 8.14 11.86 -1.86
N VAL B 51 7.72 13.08 -1.51
CA VAL B 51 6.30 13.41 -1.33
C VAL B 51 5.55 13.25 -2.67
N CYS B 52 4.41 12.56 -2.64
CA CYS B 52 3.52 12.45 -3.78
C CYS B 52 2.36 13.42 -3.57
N ARG B 53 2.08 14.22 -4.58
CA ARG B 53 1.10 15.32 -4.49
C ARG B 53 0.20 15.22 -5.74
N MET B 54 -0.89 15.98 -5.74
CA MET B 54 -1.70 16.30 -6.93
C MET B 54 -0.75 16.53 -8.12
N SER B 55 -1.16 16.08 -9.28
CA SER B 55 -0.38 16.30 -10.48
C SER B 55 -0.66 17.70 -11.00
N ASP B 56 0.26 18.23 -11.77
CA ASP B 56 0.07 19.52 -12.42
C ASP B 56 -1.26 19.56 -13.18
N PRO B 57 -2.07 20.58 -12.90
CA PRO B 57 -3.29 20.76 -13.71
C PRO B 57 -3.08 20.75 -15.22
N LYS B 58 -1.98 21.30 -15.75
CA LYS B 58 -1.74 21.27 -17.19
C LYS B 58 -1.61 19.85 -17.77
N MET B 59 -0.91 18.95 -17.11
CA MET B 59 -0.85 17.61 -17.63
C MET B 59 -2.22 16.91 -17.51
N ILE B 60 -3.04 17.34 -16.55
CA ILE B 60 -4.35 16.71 -16.44
C ILE B 60 -5.30 17.15 -17.59
N LYS B 61 -5.39 18.47 -17.81
CA LYS B 61 -6.17 19.07 -18.91
C LYS B 61 -5.73 18.50 -20.25
N ASP B 62 -4.42 18.31 -20.44
CA ASP B 62 -3.94 17.72 -21.67
C ASP B 62 -4.48 16.29 -21.85
N ILE B 63 -4.61 15.54 -20.76
CA ILE B 63 -5.26 14.24 -20.86
C ILE B 63 -6.76 14.38 -21.11
N MET B 64 -7.39 15.32 -20.44
CA MET B 64 -8.85 15.53 -20.63
C MET B 64 -9.16 15.93 -22.06
N ASN B 65 -8.19 16.57 -22.73
CA ASN B 65 -8.33 16.98 -24.11
C ASN B 65 -8.09 15.91 -25.17
N SER B 66 -7.72 14.70 -24.74
CA SER B 66 -7.28 13.69 -25.66
C SER B 66 -8.26 12.53 -25.80
N VAL B 67 -9.28 12.44 -24.92
CA VAL B 67 -10.22 11.29 -24.93
C VAL B 67 -11.64 11.80 -24.66
N SER B 68 -12.69 11.04 -24.90
CA SER B 68 -14.00 11.56 -24.59
C SER B 68 -14.72 10.82 -23.48
N ILE B 69 -14.07 9.81 -22.92
CA ILE B 69 -14.42 9.19 -21.62
C ILE B 69 -14.01 10.06 -20.39
N PRO B 70 -14.65 9.82 -19.24
CA PRO B 70 -14.41 10.54 -17.98
C PRO B 70 -12.93 10.42 -17.52
N VAL B 71 -12.44 11.44 -16.85
CA VAL B 71 -11.03 11.48 -16.43
C VAL B 71 -11.07 11.76 -14.97
N MET B 72 -10.33 11.00 -14.19
CA MET B 72 -10.25 11.22 -12.78
C MET B 72 -8.82 11.72 -12.43
N ALA B 73 -8.67 12.25 -11.24
CA ALA B 73 -7.31 12.65 -10.75
C ALA B 73 -7.30 12.52 -9.26
N LYS B 74 -6.10 12.40 -8.73
CA LYS B 74 -5.86 12.12 -7.30
C LYS B 74 -5.48 13.36 -6.57
N VAL B 75 -5.94 13.44 -5.32
CA VAL B 75 -5.38 14.42 -4.40
C VAL B 75 -4.91 13.68 -3.11
N ARG B 76 -4.09 14.38 -2.30
CA ARG B 76 -3.64 13.78 -1.00
C ARG B 76 -4.80 13.71 -0.01
N ILE B 77 -4.82 12.66 0.78
CA ILE B 77 -5.77 12.54 1.86
C ILE B 77 -5.74 13.80 2.71
N GLY B 78 -6.91 14.42 2.93
CA GLY B 78 -7.12 15.66 3.74
C GLY B 78 -6.78 16.94 2.98
N HIS B 79 -6.30 16.85 1.75
CA HIS B 79 -5.83 18.02 1.10
C HIS B 79 -6.96 18.68 0.36
N PHE B 80 -7.78 19.42 1.09
CA PHE B 80 -9.02 19.86 0.49
C PHE B 80 -8.77 21.00 -0.50
N VAL B 81 -7.59 21.63 -0.40
CA VAL B 81 -7.21 22.66 -1.38
C VAL B 81 -6.84 22.09 -2.74
N GLU B 82 -6.04 21.02 -2.76
CA GLU B 82 -5.81 20.26 -3.97
C GLU B 82 -7.16 19.85 -4.57
N ALA B 83 -8.06 19.40 -3.73
CA ALA B 83 -9.38 18.99 -4.23
C ALA B 83 -10.09 20.21 -4.88
N GLN B 84 -9.96 21.42 -4.29
CA GLN B 84 -10.71 22.62 -4.81
C GLN B 84 -10.13 22.99 -6.15
N ILE B 85 -8.81 22.81 -6.30
CA ILE B 85 -8.14 23.09 -7.56
C ILE B 85 -8.53 22.07 -8.62
N ILE B 86 -8.64 20.82 -8.22
CA ILE B 86 -9.02 19.77 -9.19
C ILE B 86 -10.49 19.91 -9.60
N GLU B 87 -11.35 20.21 -8.65
CA GLU B 87 -12.74 20.50 -8.98
C GLU B 87 -12.81 21.70 -9.99
N ALA B 88 -12.13 22.81 -9.66
CA ALA B 88 -12.20 23.96 -10.55
C ALA B 88 -11.72 23.62 -11.99
N LEU B 89 -10.85 22.64 -12.10
CA LEU B 89 -10.37 22.15 -13.39
C LEU B 89 -11.44 21.34 -14.12
N GLU B 90 -12.51 20.94 -13.42
CA GLU B 90 -13.61 20.24 -14.02
C GLU B 90 -13.26 18.81 -14.40
N VAL B 91 -12.40 18.15 -13.64
CA VAL B 91 -12.25 16.71 -13.84
C VAL B 91 -13.60 16.04 -13.52
N ASP B 92 -13.77 14.79 -13.87
CA ASP B 92 -15.02 14.10 -13.62
C ASP B 92 -15.18 13.46 -12.23
N TYR B 93 -14.06 13.05 -11.61
CA TYR B 93 -14.03 12.38 -10.30
C TYR B 93 -12.67 12.70 -9.65
N ILE B 94 -12.67 12.76 -8.33
CA ILE B 94 -11.47 13.00 -7.56
C ILE B 94 -11.28 11.78 -6.74
N ASP B 95 -10.04 11.32 -6.70
CA ASP B 95 -9.71 10.09 -5.95
C ASP B 95 -8.84 10.60 -4.79
N GLU B 96 -9.41 10.54 -3.59
CA GLU B 96 -8.70 11.00 -2.38
C GLU B 96 -7.86 9.79 -1.99
N SER B 97 -6.58 9.82 -2.36
CA SER B 97 -5.87 8.57 -2.56
C SER B 97 -4.76 8.31 -1.56
N GLU B 98 -4.77 7.13 -0.95
CA GLU B 98 -3.68 6.75 -0.03
C GLU B 98 -2.36 6.42 -0.69
N VAL B 99 -2.35 6.42 -2.03
CA VAL B 99 -1.12 6.22 -2.79
C VAL B 99 -0.27 7.48 -2.70
N LEU B 100 -0.91 8.64 -2.74
CA LEU B 100 -0.20 9.89 -2.60
C LEU B 100 0.17 10.01 -1.13
N THR B 101 1.06 10.94 -0.79
CA THR B 101 1.51 11.16 0.60
C THR B 101 0.44 11.91 1.40
N PRO B 102 -0.11 11.29 2.46
CA PRO B 102 -1.20 12.03 3.12
C PRO B 102 -0.83 13.44 3.62
N ALA B 103 -1.79 14.35 3.48
CA ALA B 103 -1.62 15.73 3.96
C ALA B 103 -2.18 15.89 5.37
N ASP B 104 -3.18 15.10 5.75
CA ASP B 104 -3.74 15.27 7.08
C ASP B 104 -3.91 13.84 7.60
N TRP B 105 -3.16 13.51 8.63
CA TRP B 105 -3.27 12.15 9.12
C TRP B 105 -4.54 11.93 9.97
N THR B 106 -5.29 12.98 10.24
CA THR B 106 -6.43 12.86 11.14
C THR B 106 -7.80 13.00 10.46
N HIS B 107 -7.86 13.82 9.40
CA HIS B 107 -9.13 14.21 8.78
C HIS B 107 -9.04 13.98 7.29
N HIS B 108 -9.91 13.15 6.77
CA HIS B 108 -10.12 13.12 5.36
C HIS B 108 -10.85 14.42 4.96
N ILE B 109 -10.86 14.68 3.67
CA ILE B 109 -11.56 15.80 3.09
C ILE B 109 -13.04 15.76 3.30
N GLU B 110 -13.64 16.92 3.52
CA GLU B 110 -15.09 16.91 3.69
C GLU B 110 -15.79 16.91 2.33
N LYS B 111 -16.04 15.74 1.79
CA LYS B 111 -16.40 15.55 0.38
C LYS B 111 -17.79 16.06 -0.06
N ASP B 112 -18.71 16.06 0.87
CA ASP B 112 -20.05 16.60 0.70
C ASP B 112 -20.10 18.12 0.51
N LYS B 113 -18.95 18.78 0.60
CA LYS B 113 -18.93 20.21 0.31
C LYS B 113 -18.47 20.43 -1.14
N PHE B 114 -18.41 19.34 -1.92
CA PHE B 114 -17.99 19.44 -3.30
C PHE B 114 -19.08 18.95 -4.21
N LYS B 115 -19.07 19.48 -5.44
CA LYS B 115 -19.97 19.03 -6.48
C LYS B 115 -19.43 17.79 -7.16
N VAL B 116 -18.14 17.81 -7.44
CA VAL B 116 -17.51 16.69 -8.08
C VAL B 116 -17.55 15.44 -7.19
N PRO B 117 -17.85 14.26 -7.78
CA PRO B 117 -17.84 13.03 -6.96
C PRO B 117 -16.42 12.57 -6.58
N PHE B 118 -16.29 11.95 -5.41
CA PHE B 118 -15.01 11.40 -4.95
C PHE B 118 -15.00 9.87 -4.86
N VAL B 119 -13.84 9.28 -5.09
CA VAL B 119 -13.67 7.87 -4.70
C VAL B 119 -12.60 7.83 -3.62
N CYS B 120 -12.81 6.92 -2.69
CA CYS B 120 -11.97 6.69 -1.56
C CYS B 120 -11.75 5.18 -1.42
N GLY B 121 -10.67 4.86 -0.73
CA GLY B 121 -10.32 3.54 -0.44
C GLY B 121 -10.76 3.10 0.92
N ALA B 122 -10.86 1.79 1.08
CA ALA B 122 -11.28 1.19 2.32
C ALA B 122 -10.75 -0.23 2.36
N LYS B 123 -10.34 -0.66 3.54
CA LYS B 123 -9.88 -2.02 3.70
C LYS B 123 -10.88 -2.79 4.51
N ASP B 124 -11.91 -2.12 5.06
CA ASP B 124 -12.97 -2.85 5.83
C ASP B 124 -14.25 -2.08 5.88
N LEU B 125 -15.25 -2.60 6.61
CA LEU B 125 -16.60 -2.02 6.59
C LEU B 125 -16.62 -0.64 7.25
N GLY B 126 -16.07 -0.55 8.46
CA GLY B 126 -16.00 0.71 9.20
C GLY B 126 -15.33 1.79 8.38
N GLU B 127 -14.17 1.49 7.82
CA GLU B 127 -13.46 2.43 7.00
C GLU B 127 -14.39 2.87 5.84
N ALA B 128 -15.06 1.92 5.18
CA ALA B 128 -15.87 2.25 4.00
C ALA B 128 -17.05 3.14 4.37
N LEU B 129 -17.68 2.85 5.53
CA LEU B 129 -18.78 3.70 6.00
C LEU B 129 -18.24 5.06 6.39
N ARG B 130 -17.08 5.16 7.03
CA ARG B 130 -16.57 6.50 7.34
C ARG B 130 -16.34 7.33 6.12
N ARG B 131 -15.76 6.70 5.07
CA ARG B 131 -15.52 7.39 3.80
C ARG B 131 -16.82 7.81 3.10
N ILE B 132 -17.83 6.94 3.11
CA ILE B 132 -19.13 7.31 2.58
C ILE B 132 -19.80 8.40 3.43
N ASN B 133 -19.69 8.30 4.75
CA ASN B 133 -20.35 9.28 5.60
C ASN B 133 -19.75 10.72 5.41
N GLU B 134 -18.45 10.80 5.07
CA GLU B 134 -17.76 12.05 4.73
C GLU B 134 -18.18 12.54 3.34
N GLY B 135 -18.86 11.69 2.56
CA GLY B 135 -19.44 12.04 1.27
C GLY B 135 -18.81 11.34 0.07
N ALA B 136 -18.01 10.24 0.26
CA ALA B 136 -17.43 9.51 -0.91
C ALA B 136 -18.56 8.94 -1.76
N ALA B 137 -18.45 9.05 -3.08
CA ALA B 137 -19.49 8.54 -3.98
C ALA B 137 -19.07 7.14 -4.47
N MET B 138 -17.84 6.74 -4.22
CA MET B 138 -17.33 5.51 -4.73
C MET B 138 -16.26 4.94 -3.78
N ILE B 139 -16.29 3.64 -3.61
CA ILE B 139 -15.34 2.98 -2.73
C ILE B 139 -14.48 2.10 -3.60
N ARG B 140 -13.19 2.03 -3.29
CA ARG B 140 -12.41 1.00 -3.86
C ARG B 140 -11.63 0.29 -2.75
N THR B 141 -11.30 -0.99 -2.94
CA THR B 141 -10.32 -1.67 -2.09
C THR B 141 -9.04 -0.96 -2.04
N LYS B 142 -8.33 -1.11 -0.93
CA LYS B 142 -7.09 -0.39 -0.80
C LYS B 142 -5.99 -1.18 -1.46
N GLY B 143 -6.25 -2.45 -1.75
CA GLY B 143 -5.22 -3.25 -2.43
C GLY B 143 -3.81 -3.08 -1.85
N GLU B 144 -2.83 -3.23 -2.72
CA GLU B 144 -1.41 -3.23 -2.39
C GLU B 144 -0.87 -2.83 -3.71
N ALA B 145 -0.68 -1.53 -3.86
CA ALA B 145 -0.40 -0.94 -5.15
C ALA B 145 1.10 -1.05 -5.45
N GLY B 146 1.44 -1.12 -6.73
CA GLY B 146 2.82 -1.29 -7.11
C GLY B 146 3.24 -2.75 -7.26
N THR B 147 2.82 -3.60 -6.34
CA THR B 147 3.39 -4.94 -6.27
C THR B 147 2.88 -5.96 -7.28
N GLY B 148 1.73 -5.73 -7.90
CA GLY B 148 1.12 -6.79 -8.71
C GLY B 148 0.58 -8.02 -7.96
N ASP B 149 0.35 -7.90 -6.66
CA ASP B 149 -0.12 -9.03 -5.88
C ASP B 149 -1.59 -8.75 -5.49
N VAL B 150 -2.49 -9.52 -6.06
CA VAL B 150 -3.91 -9.23 -6.04
C VAL B 150 -4.49 -9.60 -4.67
N SER B 151 -3.67 -10.23 -3.81
CA SER B 151 -4.19 -10.74 -2.57
C SER B 151 -4.67 -9.72 -1.55
N GLU B 152 -4.16 -8.50 -1.56
CA GLU B 152 -4.68 -7.51 -0.60
C GLU B 152 -6.12 -7.05 -0.99
N ALA B 153 -6.29 -6.88 -2.30
CA ALA B 153 -7.58 -6.58 -2.86
C ALA B 153 -8.63 -7.65 -2.48
N VAL B 154 -8.24 -8.92 -2.61
CA VAL B 154 -9.08 -10.02 -2.28
C VAL B 154 -9.34 -9.96 -0.78
N LYS B 155 -8.32 -9.77 0.03
CA LYS B 155 -8.55 -9.69 1.51
C LYS B 155 -9.61 -8.64 1.86
N HIS B 156 -9.52 -7.47 1.25
CA HIS B 156 -10.35 -6.37 1.62
C HIS B 156 -11.74 -6.59 1.12
N ILE B 157 -11.90 -7.15 -0.08
CA ILE B 157 -13.27 -7.41 -0.48
C ILE B 157 -13.85 -8.52 0.36
N ARG B 158 -13.12 -9.53 0.70
CA ARG B 158 -13.66 -10.53 1.55
C ARG B 158 -14.03 -10.03 2.96
N ARG B 159 -13.28 -9.07 3.44
CA ARG B 159 -13.46 -8.59 4.76
C ARG B 159 -14.71 -7.75 4.89
N ILE B 160 -15.00 -6.95 3.91
CA ILE B 160 -16.20 -6.16 3.93
C ILE B 160 -17.42 -7.04 3.83
N THR B 161 -17.34 -8.04 2.97
CA THR B 161 -18.42 -8.98 2.78
C THR B 161 -18.68 -9.78 4.06
N GLU B 162 -17.62 -10.26 4.71
CA GLU B 162 -17.78 -11.01 5.96
C GLU B 162 -18.34 -10.10 7.02
N GLU B 163 -17.89 -8.85 7.07
CA GLU B 163 -18.35 -7.98 8.16
C GLU B 163 -19.83 -7.60 8.04
N ILE B 164 -20.25 -7.31 6.81
CA ILE B 164 -21.63 -7.11 6.48
C ILE B 164 -22.44 -8.33 6.95
N LYS B 165 -22.01 -9.53 6.57
CA LYS B 165 -22.75 -10.74 6.95
C LYS B 165 -22.81 -10.88 8.47
N ALA B 166 -21.69 -10.68 9.18
CA ALA B 166 -21.70 -10.77 10.64
C ALA B 166 -22.65 -9.76 11.28
N CYS B 167 -22.66 -8.53 10.76
CA CYS B 167 -23.57 -7.52 11.31
C CYS B 167 -25.02 -7.93 11.16
N GLN B 168 -25.35 -8.48 10.01
CA GLN B 168 -26.66 -9.02 9.73
C GLN B 168 -27.15 -10.15 10.66
N GLN B 169 -26.25 -10.71 11.47
CA GLN B 169 -26.66 -11.76 12.42
C GLN B 169 -26.88 -11.15 13.81
N LEU B 170 -26.51 -9.87 13.98
CA LEU B 170 -26.81 -9.14 15.22
C LEU B 170 -28.31 -8.94 15.35
N LYS B 171 -28.86 -9.43 16.47
CA LYS B 171 -30.28 -9.39 16.75
C LYS B 171 -30.71 -8.07 17.37
N SER B 172 -29.95 -7.61 18.34
CA SER B 172 -30.33 -6.42 19.08
C SER B 172 -30.10 -5.16 18.25
N GLU B 173 -31.14 -4.37 18.00
CA GLU B 173 -30.93 -3.02 17.51
C GLU B 173 -29.90 -2.25 18.33
N ASP B 174 -29.79 -2.60 19.62
CA ASP B 174 -28.86 -1.93 20.54
C ASP B 174 -27.42 -2.30 20.21
N ASP B 175 -27.18 -3.59 19.92
CA ASP B 175 -25.84 -4.03 19.52
C ASP B 175 -25.44 -3.35 18.21
N ILE B 176 -26.38 -3.28 17.27
CA ILE B 176 -26.13 -2.61 16.00
C ILE B 176 -25.62 -1.18 16.24
N ALA B 177 -26.27 -0.46 17.15
CA ALA B 177 -25.88 0.89 17.52
C ALA B 177 -24.48 0.98 18.11
N LYS B 178 -24.13 0.01 18.95
CA LYS B 178 -22.80 -0.06 19.55
C LYS B 178 -21.76 -0.15 18.43
N VAL B 179 -22.08 -0.92 17.39
CA VAL B 179 -21.22 -1.05 16.22
C VAL B 179 -21.05 0.27 15.45
N ALA B 180 -22.16 0.92 15.12
CA ALA B 180 -22.12 2.24 14.49
C ALA B 180 -21.24 3.20 15.29
N GLU B 181 -21.35 3.11 16.60
CA GLU B 181 -20.58 3.94 17.51
C GLU B 181 -19.07 3.66 17.39
N GLU B 182 -18.67 2.40 17.52
CA GLU B 182 -17.26 2.02 17.34
C GLU B 182 -16.73 2.43 15.95
N MET B 183 -17.56 2.28 14.90
CA MET B 183 -17.20 2.76 13.54
C MET B 183 -17.24 4.30 13.38
N ARG B 184 -17.84 4.99 14.33
CA ARG B 184 -17.97 6.46 14.24
C ARG B 184 -18.78 6.91 13.01
N VAL B 185 -19.91 6.22 12.77
CA VAL B 185 -20.82 6.59 11.69
C VAL B 185 -22.27 6.62 12.20
N PRO B 186 -23.17 7.29 11.49
CA PRO B 186 -24.58 7.21 11.96
C PRO B 186 -25.20 5.81 11.84
N VAL B 187 -25.96 5.43 12.88
CA VAL B 187 -26.59 4.15 12.92
C VAL B 187 -27.45 3.96 11.68
N SER B 188 -28.09 5.03 11.17
CA SER B 188 -28.93 4.92 9.98
C SER B 188 -28.11 4.40 8.81
N LEU B 189 -26.83 4.77 8.72
CA LEU B 189 -25.97 4.37 7.60
C LEU B 189 -25.62 2.88 7.68
N LEU B 190 -25.18 2.45 8.85
CA LEU B 190 -24.95 1.04 9.12
C LEU B 190 -26.23 0.26 8.85
N LYS B 191 -27.37 0.71 9.41
CA LYS B 191 -28.63 -0.01 9.17
C LYS B 191 -28.97 -0.12 7.68
N ASP B 192 -28.70 0.92 6.90
CA ASP B 192 -29.00 0.85 5.48
C ASP B 192 -28.16 -0.22 4.78
N VAL B 193 -26.89 -0.39 5.19
CA VAL B 193 -26.05 -1.45 4.66
C VAL B 193 -26.60 -2.85 5.02
N LEU B 194 -27.06 -3.03 6.25
CA LEU B 194 -27.50 -4.35 6.66
C LEU B 194 -28.72 -4.80 5.89
N GLU B 195 -29.56 -3.84 5.54
CA GLU B 195 -30.85 -4.13 4.96
C GLU B 195 -30.67 -4.42 3.48
N LYS B 196 -29.72 -3.76 2.84
CA LYS B 196 -29.40 -4.02 1.45
C LYS B 196 -28.35 -5.14 1.25
N GLY B 197 -27.59 -5.46 2.30
CA GLY B 197 -26.53 -6.48 2.23
C GLY B 197 -25.35 -6.12 1.33
N LYS B 198 -25.18 -4.80 1.11
CA LYS B 198 -24.21 -4.20 0.23
C LYS B 198 -23.97 -2.74 0.69
N LEU B 199 -22.81 -2.19 0.33
CA LEU B 199 -22.52 -0.77 0.47
C LEU B 199 -23.49 -0.03 -0.43
N PRO B 200 -23.89 1.17 -0.03
CA PRO B 200 -24.84 1.92 -0.87
C PRO B 200 -24.18 2.61 -2.05
N VAL B 201 -22.90 2.33 -2.30
CA VAL B 201 -22.24 2.92 -3.45
C VAL B 201 -21.48 1.83 -4.18
N VAL B 202 -21.19 2.00 -5.47
CA VAL B 202 -20.39 1.00 -6.18
C VAL B 202 -19.02 0.85 -5.51
N ASN B 203 -18.52 -0.40 -5.51
CA ASN B 203 -17.26 -0.77 -4.93
C ASN B 203 -16.38 -1.42 -6.02
N PHE B 204 -15.25 -0.79 -6.35
CA PHE B 204 -14.30 -1.27 -7.35
C PHE B 204 -13.03 -1.88 -6.71
N ALA B 205 -12.48 -2.91 -7.35
CA ALA B 205 -11.18 -3.44 -6.93
C ALA B 205 -10.04 -2.56 -7.43
N ALA B 206 -9.04 -2.34 -6.61
CA ALA B 206 -7.87 -1.55 -7.03
C ALA B 206 -6.65 -1.97 -6.26
N GLY B 207 -5.50 -2.14 -6.91
CA GLY B 207 -4.32 -2.48 -6.17
C GLY B 207 -3.96 -3.92 -6.35
N GLY B 208 -3.00 -4.20 -7.22
CA GLY B 208 -2.58 -5.58 -7.43
C GLY B 208 -3.27 -6.32 -8.57
N VAL B 209 -4.19 -5.68 -9.30
CA VAL B 209 -4.82 -6.35 -10.43
C VAL B 209 -3.88 -6.37 -11.64
N ALA B 210 -3.20 -7.49 -11.84
CA ALA B 210 -2.12 -7.58 -12.81
C ALA B 210 -2.53 -8.31 -14.08
N THR B 211 -3.40 -9.32 -13.97
CA THR B 211 -3.79 -10.06 -15.14
C THR B 211 -5.33 -9.99 -15.42
N PRO B 212 -5.73 -10.43 -16.60
CA PRO B 212 -7.13 -10.68 -16.85
C PRO B 212 -7.78 -11.63 -15.84
N ALA B 213 -7.12 -12.75 -15.48
CA ALA B 213 -7.67 -13.58 -14.45
C ALA B 213 -7.95 -12.81 -13.16
N ASP B 214 -7.01 -11.93 -12.73
CA ASP B 214 -7.19 -11.19 -11.46
C ASP B 214 -8.42 -10.32 -11.59
N ALA B 215 -8.61 -9.76 -12.79
CA ALA B 215 -9.72 -8.83 -12.96
C ALA B 215 -11.01 -9.64 -12.81
N ALA B 216 -11.07 -10.81 -13.44
CA ALA B 216 -12.30 -11.57 -13.48
C ALA B 216 -12.53 -12.10 -12.06
N LEU B 217 -11.44 -12.42 -11.34
CA LEU B 217 -11.53 -12.88 -9.98
C LEU B 217 -12.29 -11.89 -9.13
N LEU B 218 -11.88 -10.62 -9.17
CA LEU B 218 -12.43 -9.62 -8.29
C LEU B 218 -13.93 -9.35 -8.60
N MET B 219 -14.29 -9.48 -9.86
CA MET B 219 -15.68 -9.33 -10.28
C MET B 219 -16.49 -10.51 -9.74
N GLN B 220 -15.92 -11.72 -9.83
CA GLN B 220 -16.62 -12.88 -9.30
C GLN B 220 -16.77 -12.79 -7.78
N LEU B 221 -15.89 -12.06 -7.07
CA LEU B 221 -16.10 -11.81 -5.67
C LEU B 221 -17.07 -10.65 -5.38
N GLY B 222 -17.68 -10.04 -6.39
CA GLY B 222 -18.73 -9.08 -6.17
C GLY B 222 -18.37 -7.60 -6.42
N CYS B 223 -17.14 -7.31 -6.86
CA CYS B 223 -16.74 -5.92 -7.15
C CYS B 223 -17.48 -5.45 -8.36
N ASP B 224 -17.80 -4.17 -8.40
CA ASP B 224 -18.55 -3.57 -9.53
C ASP B 224 -17.65 -3.16 -10.68
N GLY B 225 -16.33 -3.28 -10.52
CA GLY B 225 -15.39 -2.91 -11.56
C GLY B 225 -14.01 -2.93 -10.99
N VAL B 226 -13.02 -2.55 -11.79
CA VAL B 226 -11.63 -2.62 -11.33
C VAL B 226 -10.71 -1.56 -11.93
N PHE B 227 -9.87 -0.98 -11.07
CA PHE B 227 -8.81 -0.04 -11.48
C PHE B 227 -7.57 -0.82 -11.79
N VAL B 228 -6.87 -0.43 -12.85
CA VAL B 228 -5.55 -1.02 -13.16
C VAL B 228 -4.53 0.09 -13.35
N GLY B 229 -3.29 -0.23 -12.96
CA GLY B 229 -2.22 0.72 -12.81
C GLY B 229 -1.34 0.78 -14.02
N SER B 230 -0.17 1.40 -13.88
CA SER B 230 0.72 1.60 -15.01
C SER B 230 1.39 0.27 -15.50
N GLY B 231 1.28 -0.80 -14.71
CA GLY B 231 1.70 -2.15 -15.14
C GLY B 231 1.23 -2.53 -16.54
N ILE B 232 0.03 -2.08 -16.91
CA ILE B 232 -0.45 -2.32 -18.27
C ILE B 232 0.58 -1.78 -19.26
N PHE B 233 1.09 -0.57 -19.00
CA PHE B 233 1.94 0.09 -20.00
C PHE B 233 3.42 -0.34 -19.97
N LYS B 234 3.83 -1.02 -18.89
CA LYS B 234 5.18 -1.60 -18.78
C LYS B 234 5.31 -2.90 -19.58
N SER B 235 4.15 -3.49 -19.91
CA SER B 235 4.11 -4.76 -20.63
C SER B 235 4.51 -4.58 -22.10
N SER B 236 4.91 -5.67 -22.76
CA SER B 236 5.45 -5.60 -24.12
C SER B 236 4.42 -5.24 -25.18
N ASN B 237 3.14 -5.50 -24.90
CA ASN B 237 2.02 -5.02 -25.73
C ASN B 237 0.85 -4.49 -24.90
N PRO B 238 0.87 -3.16 -24.64
CA PRO B 238 -0.11 -2.51 -23.75
C PRO B 238 -1.53 -2.57 -24.27
N VAL B 239 -1.71 -2.50 -25.58
CA VAL B 239 -3.04 -2.60 -26.20
C VAL B 239 -3.65 -3.98 -26.00
N ARG B 240 -2.83 -5.01 -26.17
CA ARG B 240 -3.34 -6.38 -26.07
C ARG B 240 -3.70 -6.62 -24.62
N LEU B 241 -2.85 -6.17 -23.71
CA LEU B 241 -3.07 -6.41 -22.31
C LEU B 241 -4.27 -5.61 -21.79
N ALA B 242 -4.34 -4.34 -22.14
CA ALA B 242 -5.49 -3.50 -21.74
C ALA B 242 -6.87 -4.04 -22.29
N THR B 243 -6.90 -4.42 -23.57
CA THR B 243 -8.09 -4.99 -24.20
C THR B 243 -8.42 -6.31 -23.47
N ALA B 244 -7.39 -7.12 -23.19
CA ALA B 244 -7.62 -8.41 -22.48
C ALA B 244 -8.24 -8.25 -21.05
N VAL B 245 -7.82 -7.22 -20.30
CA VAL B 245 -8.37 -6.91 -18.99
C VAL B 245 -9.81 -6.38 -19.07
N VAL B 246 -10.07 -5.51 -20.05
CA VAL B 246 -11.43 -5.12 -20.30
C VAL B 246 -12.32 -6.31 -20.66
N GLU B 247 -11.91 -7.17 -21.62
CA GLU B 247 -12.75 -8.34 -21.97
C GLU B 247 -13.00 -9.16 -20.73
N ALA B 248 -11.93 -9.43 -20.00
CA ALA B 248 -12.04 -10.25 -18.82
C ALA B 248 -12.97 -9.63 -17.79
N THR B 249 -12.99 -8.31 -17.68
CA THR B 249 -13.88 -7.66 -16.73
C THR B 249 -15.34 -7.81 -17.21
N THR B 250 -15.57 -7.67 -18.51
CA THR B 250 -16.91 -7.87 -19.09
C THR B 250 -17.40 -9.33 -19.06
N HIS B 251 -16.54 -10.26 -19.39
CA HIS B 251 -16.96 -11.67 -19.53
C HIS B 251 -16.41 -12.46 -18.34
N PHE B 252 -16.50 -11.86 -17.19
CA PHE B 252 -15.87 -12.39 -16.00
C PHE B 252 -16.27 -13.79 -15.55
N ASP B 253 -17.34 -14.29 -16.11
CA ASP B 253 -17.80 -15.62 -15.80
C ASP B 253 -17.82 -16.54 -16.98
N ASN B 254 -16.98 -16.29 -17.96
CA ASN B 254 -16.88 -17.13 -19.12
C ASN B 254 -15.48 -17.71 -19.22
N PRO B 255 -15.28 -18.88 -18.66
CA PRO B 255 -13.94 -19.52 -18.66
C PRO B 255 -13.27 -19.65 -20.04
N SER B 256 -13.99 -20.03 -21.09
CA SER B 256 -13.35 -20.25 -22.39
C SER B 256 -12.83 -18.95 -22.98
N LYS B 257 -13.53 -17.88 -22.69
CA LYS B 257 -13.11 -16.51 -23.08
C LYS B 257 -11.97 -15.94 -22.18
N LEU B 258 -12.02 -16.20 -20.87
CA LEU B 258 -10.89 -15.82 -20.00
C LEU B 258 -9.65 -16.61 -20.45
N LEU B 259 -9.86 -17.86 -20.85
CA LEU B 259 -8.75 -18.66 -21.40
C LEU B 259 -8.17 -18.02 -22.65
N GLU B 260 -9.06 -17.67 -23.59
CA GLU B 260 -8.67 -17.06 -24.88
C GLU B 260 -7.93 -15.73 -24.66
N VAL B 261 -8.43 -14.88 -23.76
CA VAL B 261 -7.74 -13.60 -23.61
C VAL B 261 -6.43 -13.66 -22.80
N SER B 262 -6.27 -14.70 -21.97
CA SER B 262 -5.02 -14.90 -21.24
C SER B 262 -3.90 -15.60 -22.02
N SER B 263 -4.19 -16.10 -23.21
CA SER B 263 -3.20 -16.92 -23.93
C SER B 263 -2.23 -16.05 -24.71
N ASP B 264 -0.93 -16.34 -24.56
CA ASP B 264 0.13 -15.67 -25.34
C ASP B 264 0.06 -14.15 -25.10
N LEU B 265 0.21 -13.73 -23.85
CA LEU B 265 0.11 -12.30 -23.49
C LEU B 265 1.50 -11.65 -23.39
N GLY B 266 2.50 -12.48 -23.15
CA GLY B 266 3.89 -12.01 -23.04
C GLY B 266 4.21 -11.74 -21.58
N GLU B 267 5.31 -11.03 -21.32
CA GLU B 267 5.74 -10.75 -19.94
C GLU B 267 4.90 -9.62 -19.35
N LEU C 10 2.76 41.02 10.55
CA LEU C 10 3.05 40.38 9.21
C LEU C 10 1.87 39.54 8.64
N LYS C 11 0.74 39.63 9.34
CA LYS C 11 -0.48 38.92 8.96
C LYS C 11 -0.73 38.84 7.41
N GLY C 12 -1.08 37.64 6.95
CA GLY C 12 -1.50 37.38 5.56
C GLY C 12 -0.29 37.28 4.60
N GLY C 13 0.91 37.16 5.16
CA GLY C 13 2.07 37.13 4.34
C GLY C 13 2.88 35.85 4.27
N VAL C 14 3.89 35.89 3.41
CA VAL C 14 4.84 34.82 3.19
C VAL C 14 6.21 35.31 3.62
N ILE C 15 6.92 34.50 4.38
CA ILE C 15 8.28 34.81 4.70
C ILE C 15 9.16 33.74 4.05
N MET C 16 10.22 34.18 3.38
CA MET C 16 11.03 33.26 2.55
C MET C 16 12.45 33.21 3.07
N ASP C 17 12.98 32.00 3.21
CA ASP C 17 14.34 31.76 3.51
C ASP C 17 15.23 32.16 2.36
N VAL C 18 16.34 32.85 2.65
CA VAL C 18 17.21 33.31 1.60
C VAL C 18 18.63 33.22 2.07
N VAL C 19 19.51 32.83 1.14
CA VAL C 19 20.87 32.61 1.51
C VAL C 19 21.80 33.56 0.85
N THR C 20 21.28 34.43 -0.04
CA THR C 20 22.12 35.48 -0.65
C THR C 20 21.33 36.77 -0.80
N PRO C 21 22.03 37.90 -0.87
CA PRO C 21 21.39 39.16 -1.29
C PRO C 21 20.46 39.03 -2.56
N GLU C 22 20.93 38.33 -3.59
CA GLU C 22 20.19 38.18 -4.82
C GLU C 22 18.93 37.31 -4.63
N GLN C 23 19.01 36.26 -3.81
CA GLN C 23 17.79 35.53 -3.42
C GLN C 23 16.77 36.43 -2.71
N ALA C 24 17.25 37.22 -1.77
CA ALA C 24 16.42 38.15 -1.02
C ALA C 24 15.67 39.14 -1.98
N LYS C 25 16.40 39.70 -2.95
CA LYS C 25 15.79 40.57 -3.95
C LYS C 25 14.66 39.90 -4.72
N ILE C 26 14.89 38.65 -5.13
CA ILE C 26 13.87 37.88 -5.78
C ILE C 26 12.69 37.67 -4.89
N ALA C 27 12.91 37.34 -3.61
CA ALA C 27 11.79 37.19 -2.69
C ALA C 27 10.98 38.49 -2.63
N GLU C 28 11.68 39.61 -2.57
CA GLU C 28 11.03 40.90 -2.48
C GLU C 28 10.20 41.27 -3.74
N LYS C 29 10.75 41.05 -4.93
CA LYS C 29 9.99 41.24 -6.14
C LYS C 29 8.76 40.32 -6.18
N SER C 30 8.87 39.10 -5.67
CA SER C 30 7.79 38.14 -5.72
C SER C 30 6.61 38.54 -4.86
N GLY C 31 6.79 39.53 -3.97
CA GLY C 31 5.72 39.92 -3.01
C GLY C 31 5.93 39.35 -1.57
N ALA C 32 7.10 38.78 -1.27
CA ALA C 32 7.29 38.28 0.12
C ALA C 32 7.03 39.40 1.12
N CYS C 33 6.50 39.13 2.32
CA CYS C 33 6.39 40.20 3.32
C CYS C 33 7.67 40.38 4.19
N ALA C 34 8.48 39.34 4.26
CA ALA C 34 9.81 39.39 4.98
C ALA C 34 10.72 38.32 4.42
N VAL C 35 12.00 38.38 4.78
CA VAL C 35 12.87 37.30 4.44
C VAL C 35 13.57 36.87 5.68
N MET C 36 14.06 35.62 5.63
CA MET C 36 14.80 35.05 6.73
C MET C 36 16.22 34.82 6.21
N ALA C 37 17.19 35.49 6.77
CA ALA C 37 18.56 35.35 6.31
C ALA C 37 19.21 34.19 7.01
N LEU C 38 19.72 33.21 6.31
CA LEU C 38 20.42 32.10 6.98
C LEU C 38 21.54 31.62 6.06
N GLU C 39 22.69 31.32 6.62
CA GLU C 39 23.85 31.09 5.78
C GLU C 39 23.80 29.82 5.04
N SER C 40 22.99 28.90 5.55
CA SER C 40 22.84 27.58 4.96
C SER C 40 21.72 26.81 5.64
N ILE C 41 20.77 26.32 4.85
CA ILE C 41 19.65 25.56 5.37
C ILE C 41 20.12 24.39 6.23
N PRO C 42 19.51 24.23 7.41
CA PRO C 42 19.88 23.15 8.32
C PRO C 42 19.37 21.80 7.83
N ALA C 43 19.34 21.61 6.51
CA ALA C 43 18.88 20.36 5.92
C ALA C 43 19.95 19.73 5.04
N ASP C 44 21.13 20.34 5.03
CA ASP C 44 22.25 19.84 4.22
C ASP C 44 23.29 19.23 5.15
N MET C 45 23.69 20.03 6.15
CA MET C 45 24.76 19.67 7.10
C MET C 45 24.26 18.77 8.24
N ARG C 46 23.03 19.00 8.69
CA ARG C 46 22.43 18.15 9.71
C ARG C 46 22.65 16.69 9.31
N LYS C 47 22.66 16.46 8.00
CA LYS C 47 22.94 15.14 7.44
C LYS C 47 24.39 14.72 7.76
N SER C 48 25.31 15.70 7.68
CA SER C 48 26.74 15.49 7.96
C SER C 48 27.10 15.42 9.46
N GLY C 49 26.20 15.91 10.31
CA GLY C 49 26.42 15.92 11.74
C GLY C 49 27.21 17.14 12.18
N LYS C 50 26.66 18.31 11.91
CA LYS C 50 27.33 19.56 12.26
C LYS C 50 26.47 20.43 13.18
N VAL C 51 27.13 21.23 14.00
CA VAL C 51 26.45 22.15 14.92
C VAL C 51 25.99 23.32 14.05
N CYS C 52 24.70 23.59 14.02
CA CYS C 52 24.18 24.72 13.31
C CYS C 52 23.90 25.86 14.34
N ARG C 53 24.47 27.03 14.09
CA ARG C 53 24.49 28.20 14.93
C ARG C 53 23.91 29.40 14.15
N MET C 54 23.75 30.51 14.85
CA MET C 54 23.46 31.83 14.27
C MET C 54 24.34 32.06 13.03
N SER C 55 23.86 32.72 11.99
CA SER C 55 24.75 32.99 10.84
C SER C 55 25.65 34.15 11.16
N ASP C 56 26.72 34.27 10.39
CA ASP C 56 27.64 35.41 10.47
C ASP C 56 26.85 36.71 10.31
N PRO C 57 26.97 37.62 11.26
CA PRO C 57 26.29 38.94 11.15
C PRO C 57 26.57 39.71 9.84
N LYS C 58 27.73 39.49 9.24
CA LYS C 58 28.05 40.14 7.98
C LYS C 58 27.12 39.68 6.83
N MET C 59 26.90 38.37 6.74
CA MET C 59 26.03 37.89 5.64
C MET C 59 24.61 38.29 5.95
N ILE C 60 24.28 38.45 7.23
CA ILE C 60 22.92 38.92 7.57
C ILE C 60 22.87 40.38 7.16
N LYS C 61 23.93 41.13 7.40
CA LYS C 61 23.90 42.58 7.13
C LYS C 61 23.80 42.86 5.61
N ASP C 62 24.58 42.13 4.79
CA ASP C 62 24.46 42.20 3.32
C ASP C 62 23.06 41.85 2.74
N ILE C 63 22.31 41.00 3.44
CA ILE C 63 20.96 40.72 3.04
C ILE C 63 20.11 41.92 3.42
N MET C 64 20.26 42.40 4.64
CA MET C 64 19.54 43.58 5.12
C MET C 64 19.74 44.80 4.23
N ASN C 65 20.97 44.95 3.69
CA ASN C 65 21.28 46.09 2.76
C ASN C 65 20.64 45.92 1.41
N SER C 66 20.10 44.74 1.09
CA SER C 66 19.69 44.40 -0.28
C SER C 66 18.19 44.55 -0.61
N VAL C 67 17.37 44.74 0.41
CA VAL C 67 15.89 44.74 0.31
C VAL C 67 15.36 45.76 1.30
N SER C 68 14.11 46.18 1.18
CA SER C 68 13.58 47.14 2.14
C SER C 68 12.46 46.55 2.99
N ILE C 69 12.06 45.33 2.68
CA ILE C 69 11.16 44.52 3.54
C ILE C 69 11.96 43.96 4.75
N PRO C 70 11.27 43.58 5.84
CA PRO C 70 11.85 43.13 7.11
C PRO C 70 12.68 41.85 6.96
N VAL C 71 13.71 41.73 7.77
CA VAL C 71 14.66 40.63 7.67
C VAL C 71 14.66 39.92 8.99
N MET C 72 14.54 38.62 8.96
CA MET C 72 14.59 37.85 10.18
C MET C 72 15.88 37.08 10.22
N ALA C 73 16.28 36.64 11.41
CA ALA C 73 17.48 35.75 11.54
C ALA C 73 17.21 34.79 12.68
N LYS C 74 17.98 33.71 12.71
CA LYS C 74 17.72 32.61 13.59
C LYS C 74 18.79 32.54 14.60
N VAL C 75 18.43 32.18 15.83
CA VAL C 75 19.44 31.86 16.84
C VAL C 75 19.10 30.52 17.49
N ARG C 76 20.08 29.91 18.17
CA ARG C 76 19.77 28.60 18.80
C ARG C 76 18.88 28.78 19.99
N ILE C 77 18.13 27.73 20.28
CA ILE C 77 17.28 27.74 21.44
C ILE C 77 18.12 27.98 22.74
N GLY C 78 17.73 28.99 23.51
CA GLY C 78 18.38 29.28 24.78
C GLY C 78 19.60 30.15 24.56
N HIS C 79 19.93 30.46 23.29
CA HIS C 79 21.19 31.22 23.12
C HIS C 79 20.95 32.72 23.15
N PHE C 80 20.80 33.25 24.36
CA PHE C 80 20.39 34.60 24.52
C PHE C 80 21.45 35.59 24.11
N VAL C 81 22.72 35.12 24.04
CA VAL C 81 23.79 35.97 23.55
C VAL C 81 23.85 36.10 22.01
N GLU C 82 23.61 35.01 21.28
CA GLU C 82 23.30 35.14 19.86
C GLU C 82 22.15 36.13 19.64
N ALA C 83 21.12 36.04 20.49
CA ALA C 83 20.04 36.95 20.32
C ALA C 83 20.47 38.41 20.61
N GLN C 84 21.29 38.65 21.63
CA GLN C 84 21.74 40.04 21.94
C GLN C 84 22.50 40.58 20.71
N ILE C 85 23.23 39.70 20.02
CA ILE C 85 24.10 40.11 18.97
C ILE C 85 23.26 40.49 17.77
N ILE C 86 22.26 39.66 17.51
CA ILE C 86 21.30 39.87 16.40
C ILE C 86 20.48 41.14 16.66
N GLU C 87 20.02 41.30 17.89
CA GLU C 87 19.36 42.51 18.32
C GLU C 87 20.22 43.76 18.06
N ALA C 88 21.51 43.76 18.49
CA ALA C 88 22.40 44.92 18.23
C ALA C 88 22.58 45.24 16.70
N LEU C 89 22.49 44.20 15.88
CA LEU C 89 22.53 44.29 14.42
C LEU C 89 21.26 44.92 13.85
N GLU C 90 20.23 45.06 14.66
CA GLU C 90 18.94 45.63 14.26
C GLU C 90 18.20 44.84 13.19
N VAL C 91 18.25 43.49 13.24
CA VAL C 91 17.36 42.73 12.39
C VAL C 91 15.94 43.02 12.91
N ASP C 92 14.92 42.72 12.12
CA ASP C 92 13.54 43.05 12.47
C ASP C 92 12.85 42.03 13.35
N TYR C 93 13.24 40.74 13.23
CA TYR C 93 12.62 39.70 14.02
C TYR C 93 13.70 38.66 14.30
N ILE C 94 13.59 37.98 15.44
CA ILE C 94 14.49 36.91 15.75
C ILE C 94 13.67 35.65 15.83
N ASP C 95 14.15 34.62 15.14
CA ASP C 95 13.53 33.29 15.13
C ASP C 95 14.37 32.40 16.08
N GLU C 96 13.84 32.02 17.24
CA GLU C 96 14.56 31.12 18.16
C GLU C 96 14.22 29.74 17.64
N SER C 97 15.16 29.12 16.98
CA SER C 97 14.76 28.09 16.08
C SER C 97 15.24 26.71 16.46
N GLU C 98 14.33 25.76 16.40
CA GLU C 98 14.64 24.38 16.72
C GLU C 98 15.34 23.68 15.55
N VAL C 99 15.38 24.33 14.38
CA VAL C 99 16.15 23.88 13.22
C VAL C 99 17.65 24.05 13.50
N LEU C 100 18.01 24.97 14.42
CA LEU C 100 19.36 25.12 14.74
C LEU C 100 19.63 24.13 15.86
N THR C 101 20.89 23.93 16.19
CA THR C 101 21.26 23.07 17.30
C THR C 101 21.05 23.75 18.67
N PRO C 102 20.15 23.22 19.51
CA PRO C 102 19.78 23.90 20.73
C PRO C 102 20.97 24.20 21.60
N ALA C 103 21.07 25.42 22.09
CA ALA C 103 22.18 25.75 23.05
C ALA C 103 21.81 25.40 24.52
N ASP C 104 20.53 25.27 24.83
CA ASP C 104 20.12 25.07 26.24
C ASP C 104 18.86 24.30 26.12
N TRP C 105 18.94 23.04 26.45
CA TRP C 105 17.84 22.09 26.30
C TRP C 105 16.79 22.24 27.44
N THR C 106 17.02 23.13 28.41
CA THR C 106 16.04 23.34 29.51
C THR C 106 15.35 24.70 29.57
N HIS C 107 15.96 25.76 29.03
CA HIS C 107 15.43 27.10 29.09
C HIS C 107 15.50 27.75 27.70
N HIS C 108 14.37 28.20 27.20
CA HIS C 108 14.42 29.04 26.05
C HIS C 108 14.88 30.44 26.50
N ILE C 109 15.06 31.33 25.55
CA ILE C 109 15.42 32.70 25.85
C ILE C 109 14.26 33.44 26.54
N GLU C 110 14.65 34.31 27.45
CA GLU C 110 13.77 35.26 28.11
C GLU C 110 13.49 36.37 27.12
N LYS C 111 12.50 36.14 26.28
CA LYS C 111 12.28 36.99 25.13
C LYS C 111 11.68 38.34 25.51
N ASP C 112 10.88 38.36 26.58
CA ASP C 112 10.26 39.61 27.06
C ASP C 112 11.29 40.58 27.61
N LYS C 113 12.56 40.20 27.65
CA LYS C 113 13.64 41.09 28.05
C LYS C 113 14.37 41.69 26.83
N PHE C 114 13.85 41.41 25.64
CA PHE C 114 14.42 41.98 24.42
C PHE C 114 13.45 42.99 23.86
N LYS C 115 13.93 43.84 22.96
CA LYS C 115 13.02 44.80 22.36
C LYS C 115 12.76 44.52 20.87
N VAL C 116 13.32 43.45 20.36
CA VAL C 116 13.09 42.97 19.00
C VAL C 116 12.04 41.85 19.19
N PRO C 117 11.04 41.75 18.29
CA PRO C 117 10.07 40.66 18.43
C PRO C 117 10.70 39.30 18.06
N PHE C 118 10.29 38.25 18.77
CA PHE C 118 10.68 36.86 18.44
C PHE C 118 9.58 36.02 17.85
N VAL C 119 9.97 35.03 17.05
CA VAL C 119 9.03 33.99 16.69
C VAL C 119 9.61 32.67 17.21
N CYS C 120 8.69 31.77 17.63
CA CYS C 120 8.98 30.46 18.17
C CYS C 120 8.01 29.44 17.61
N GLY C 121 8.51 28.23 17.54
CA GLY C 121 7.77 27.08 17.10
C GLY C 121 6.93 26.52 18.21
N ALA C 122 5.87 25.80 17.84
CA ALA C 122 5.06 25.09 18.77
C ALA C 122 4.40 23.96 18.00
N LYS C 123 4.28 22.80 18.63
CA LYS C 123 3.58 21.69 18.04
C LYS C 123 2.23 21.51 18.70
N ASP C 124 2.01 22.11 19.88
CA ASP C 124 0.67 22.05 20.53
C ASP C 124 0.45 23.29 21.41
N LEU C 125 -0.69 23.34 22.10
CA LEU C 125 -1.13 24.52 22.85
C LEU C 125 -0.17 24.88 23.98
N GLY C 126 0.11 23.89 24.84
CA GLY C 126 1.01 24.02 25.98
C GLY C 126 2.26 24.72 25.51
N GLU C 127 2.91 24.09 24.55
CA GLU C 127 4.06 24.65 23.88
C GLU C 127 3.87 26.07 23.34
N ALA C 128 2.84 26.32 22.54
CA ALA C 128 2.59 27.72 22.16
C ALA C 128 2.52 28.66 23.40
N LEU C 129 1.74 28.28 24.43
CA LEU C 129 1.57 29.16 25.59
C LEU C 129 2.86 29.35 26.37
N ARG C 130 3.68 28.28 26.53
CA ARG C 130 5.01 28.47 27.15
C ARG C 130 5.90 29.47 26.39
N ARG C 131 5.92 29.39 25.04
CA ARG C 131 6.71 30.32 24.25
C ARG C 131 6.18 31.76 24.37
N ILE C 132 4.85 31.91 24.32
CA ILE C 132 4.20 33.22 24.50
C ILE C 132 4.51 33.80 25.93
N ASN C 133 4.37 32.94 26.95
CA ASN C 133 4.65 33.35 28.31
C ASN C 133 6.08 33.92 28.43
N GLU C 134 7.02 33.30 27.76
CA GLU C 134 8.43 33.73 27.75
C GLU C 134 8.62 35.00 26.91
N GLY C 135 7.58 35.43 26.17
CA GLY C 135 7.62 36.69 25.39
C GLY C 135 7.61 36.62 23.85
N ALA C 136 7.48 35.41 23.27
CA ALA C 136 7.35 35.28 21.81
C ALA C 136 6.23 36.22 21.32
N ALA C 137 6.50 36.94 20.23
CA ALA C 137 5.48 37.77 19.57
C ALA C 137 4.84 37.01 18.39
N MET C 138 5.42 35.93 17.93
CA MET C 138 4.85 35.23 16.84
C MET C 138 5.09 33.75 17.10
N ILE C 139 4.07 32.94 16.80
CA ILE C 139 4.19 31.47 16.82
C ILE C 139 4.14 30.91 15.40
N ARG C 140 4.80 29.80 15.23
CA ARG C 140 4.71 29.15 13.98
C ARG C 140 4.66 27.68 14.32
N THR C 141 3.97 26.91 13.50
CA THR C 141 4.00 25.45 13.64
C THR C 141 5.38 24.93 13.45
N LYS C 142 5.62 23.73 13.95
CA LYS C 142 6.94 23.10 13.84
C LYS C 142 7.06 22.31 12.54
N GLY C 143 6.06 21.49 12.26
CA GLY C 143 6.05 20.67 11.06
C GLY C 143 7.39 19.98 10.82
N GLU C 144 7.63 19.58 9.58
CA GLU C 144 8.87 18.91 9.22
C GLU C 144 9.69 19.75 8.23
N ALA C 145 10.73 20.39 8.73
CA ALA C 145 11.58 21.17 7.87
C ALA C 145 12.27 20.27 6.87
N GLY C 146 12.27 20.67 5.61
CA GLY C 146 13.05 19.99 4.60
C GLY C 146 12.52 18.86 3.78
N THR C 147 11.45 18.22 4.20
CA THR C 147 10.82 17.06 3.54
C THR C 147 9.90 17.41 2.42
N GLY C 148 9.44 18.63 2.42
CA GLY C 148 8.36 19.05 1.55
C GLY C 148 7.00 18.40 1.84
N ASP C 149 6.83 17.83 3.03
CA ASP C 149 5.60 17.15 3.43
C ASP C 149 4.77 18.07 4.32
N VAL C 150 3.61 18.49 3.87
CA VAL C 150 2.89 19.56 4.55
C VAL C 150 2.15 18.99 5.80
N SER C 151 2.19 17.67 5.98
CA SER C 151 1.34 17.08 6.98
C SER C 151 1.77 17.35 8.42
N GLU C 152 3.03 17.64 8.67
CA GLU C 152 3.41 17.95 10.04
C GLU C 152 2.83 19.31 10.46
N ALA C 153 2.93 20.31 9.57
CA ALA C 153 2.30 21.62 9.76
C ALA C 153 0.78 21.46 9.98
N VAL C 154 0.13 20.66 9.13
CA VAL C 154 -1.29 20.44 9.28
C VAL C 154 -1.55 19.82 10.65
N LYS C 155 -0.72 18.86 11.11
CA LYS C 155 -0.97 18.16 12.38
C LYS C 155 -0.91 19.17 13.52
N HIS C 156 0.03 20.09 13.45
CA HIS C 156 0.20 20.96 14.56
C HIS C 156 -0.84 22.04 14.64
N ILE C 157 -1.19 22.65 13.50
CA ILE C 157 -2.26 23.66 13.53
C ILE C 157 -3.56 23.00 14.04
N ARG C 158 -3.87 21.83 13.55
CA ARG C 158 -5.03 21.08 13.94
C ARG C 158 -4.99 20.67 15.41
N ARG C 159 -3.84 20.26 15.91
CA ARG C 159 -3.69 20.00 17.34
C ARG C 159 -3.90 21.20 18.21
N ILE C 160 -3.44 22.35 17.81
CA ILE C 160 -3.63 23.51 18.62
C ILE C 160 -5.10 23.87 18.61
N THR C 161 -5.71 23.86 17.46
CA THR C 161 -7.13 24.24 17.35
C THR C 161 -8.01 23.35 18.23
N GLU C 162 -7.72 22.04 18.19
CA GLU C 162 -8.45 21.01 18.91
C GLU C 162 -8.22 21.19 20.41
N GLU C 163 -6.97 21.42 20.84
CA GLU C 163 -6.76 21.60 22.27
C GLU C 163 -7.52 22.80 22.84
N ILE C 164 -7.59 23.87 22.06
CA ILE C 164 -8.36 25.05 22.47
C ILE C 164 -9.85 24.71 22.66
N LYS C 165 -10.41 23.97 21.71
CA LYS C 165 -11.79 23.56 21.73
C LYS C 165 -12.05 22.67 22.96
N ALA C 166 -11.23 21.64 23.12
CA ALA C 166 -11.28 20.73 24.26
C ALA C 166 -11.08 21.40 25.65
N CYS C 167 -10.26 22.44 25.72
CA CYS C 167 -10.16 23.21 26.94
C CYS C 167 -11.39 24.10 27.12
N GLN C 168 -11.97 24.61 26.04
CA GLN C 168 -13.21 25.36 26.10
C GLN C 168 -14.39 24.57 26.68
N GLN C 169 -14.35 23.24 26.56
CA GLN C 169 -15.39 22.37 27.10
C GLN C 169 -15.34 22.24 28.63
N LEU C 170 -14.22 22.64 29.22
CA LEU C 170 -13.94 22.41 30.62
C LEU C 170 -14.76 23.32 31.52
N LYS C 171 -15.60 22.72 32.37
CA LYS C 171 -16.54 23.47 33.21
C LYS C 171 -15.92 24.09 34.47
N SER C 172 -14.93 23.42 35.05
CA SER C 172 -14.41 23.84 36.33
C SER C 172 -13.21 24.79 36.16
N GLU C 173 -13.33 25.97 36.76
CA GLU C 173 -12.21 26.89 36.92
C GLU C 173 -10.98 26.22 37.52
N ASP C 174 -11.20 25.29 38.45
CA ASP C 174 -10.11 24.56 39.09
C ASP C 174 -9.46 23.60 38.11
N ASP C 175 -10.24 23.05 37.19
CA ASP C 175 -9.69 22.14 36.20
C ASP C 175 -8.91 22.95 35.14
N ILE C 176 -9.45 24.09 34.72
CA ILE C 176 -8.73 25.00 33.85
C ILE C 176 -7.36 25.31 34.48
N ALA C 177 -7.40 25.67 35.76
CA ALA C 177 -6.18 25.99 36.51
C ALA C 177 -5.19 24.82 36.54
N LYS C 178 -5.69 23.59 36.68
CA LYS C 178 -4.86 22.38 36.64
C LYS C 178 -4.17 22.27 35.27
N VAL C 179 -4.92 22.49 34.19
CA VAL C 179 -4.37 22.46 32.82
C VAL C 179 -3.23 23.47 32.65
N ALA C 180 -3.51 24.74 32.96
CA ALA C 180 -2.47 25.78 33.02
C ALA C 180 -1.28 25.32 33.81
N GLU C 181 -1.52 24.58 34.90
CA GLU C 181 -0.41 24.10 35.72
C GLU C 181 0.39 23.00 35.02
N GLU C 182 -0.31 22.03 34.43
CA GLU C 182 0.32 20.99 33.61
C GLU C 182 1.11 21.61 32.43
N MET C 183 0.64 22.76 31.92
CA MET C 183 1.31 23.48 30.86
C MET C 183 2.54 24.29 31.34
N ARG C 184 2.63 24.51 32.65
CA ARG C 184 3.56 25.49 33.25
C ARG C 184 3.41 26.91 32.72
N VAL C 185 2.18 27.38 32.57
CA VAL C 185 1.90 28.79 32.23
C VAL C 185 0.87 29.35 33.22
N PRO C 186 0.76 30.71 33.33
CA PRO C 186 -0.26 31.35 34.20
C PRO C 186 -1.69 31.15 33.69
N VAL C 187 -2.63 30.93 34.61
CA VAL C 187 -4.02 30.66 34.27
C VAL C 187 -4.63 31.80 33.44
N SER C 188 -4.29 33.03 33.78
CA SER C 188 -4.84 34.18 33.09
C SER C 188 -4.48 34.15 31.61
N LEU C 189 -3.31 33.61 31.26
CA LEU C 189 -2.97 33.44 29.84
C LEU C 189 -3.84 32.37 29.16
N LEU C 190 -4.00 31.21 29.80
CA LEU C 190 -4.79 30.14 29.21
C LEU C 190 -6.23 30.60 29.16
N LYS C 191 -6.71 31.20 30.26
CA LYS C 191 -8.05 31.79 30.30
C LYS C 191 -8.29 32.74 29.12
N ASP C 192 -7.38 33.68 28.86
CA ASP C 192 -7.57 34.60 27.73
C ASP C 192 -7.63 33.87 26.36
N VAL C 193 -6.83 32.82 26.18
CA VAL C 193 -6.90 31.99 24.96
C VAL C 193 -8.31 31.43 24.77
N LEU C 194 -8.87 30.88 25.84
CA LEU C 194 -10.15 30.22 25.78
C LEU C 194 -11.30 31.21 25.53
N GLU C 195 -11.23 32.38 26.15
CA GLU C 195 -12.22 33.43 25.89
C GLU C 195 -12.22 33.90 24.43
N LYS C 196 -11.03 34.07 23.85
CA LYS C 196 -10.86 34.58 22.50
C LYS C 196 -10.96 33.50 21.42
N GLY C 197 -10.79 32.25 21.83
CA GLY C 197 -10.88 31.12 20.92
C GLY C 197 -9.65 30.93 20.06
N LYS C 198 -8.55 31.57 20.44
CA LYS C 198 -7.35 31.55 19.64
C LYS C 198 -6.17 32.16 20.35
N LEU C 199 -4.99 31.94 19.76
CA LEU C 199 -3.71 32.34 20.37
C LEU C 199 -3.66 33.85 20.34
N PRO C 200 -3.04 34.47 21.35
CA PRO C 200 -3.08 35.91 21.38
C PRO C 200 -2.05 36.57 20.46
N VAL C 201 -1.31 35.80 19.67
CA VAL C 201 -0.42 36.42 18.68
C VAL C 201 -0.66 35.74 17.34
N VAL C 202 -0.13 36.33 16.26
CA VAL C 202 -0.21 35.67 14.97
C VAL C 202 0.45 34.29 14.99
N ASN C 203 -0.17 33.38 14.28
CA ASN C 203 0.33 32.04 14.11
C ASN C 203 0.56 31.71 12.62
N PHE C 204 1.81 31.39 12.26
CA PHE C 204 2.24 31.13 10.87
C PHE C 204 2.50 29.63 10.66
N ALA C 205 2.20 29.09 9.47
CA ALA C 205 2.65 27.72 9.22
C ALA C 205 4.09 27.66 8.75
N ALA C 206 4.79 26.62 9.14
CA ALA C 206 6.17 26.46 8.69
C ALA C 206 6.59 25.01 8.70
N GLY C 207 7.31 24.62 7.66
CA GLY C 207 7.96 23.33 7.54
C GLY C 207 7.09 22.50 6.64
N GLY C 208 7.54 22.16 5.43
CA GLY C 208 6.73 21.34 4.55
C GLY C 208 5.88 22.07 3.50
N VAL C 209 5.83 23.40 3.55
CA VAL C 209 5.00 24.17 2.63
C VAL C 209 5.69 24.28 1.29
N ALA C 210 5.29 23.41 0.34
CA ALA C 210 5.94 23.24 -0.96
C ALA C 210 5.19 23.82 -2.19
N THR C 211 3.87 23.70 -2.24
CA THR C 211 3.14 24.17 -3.40
C THR C 211 2.27 25.36 -2.97
N PRO C 212 1.80 26.14 -3.95
CA PRO C 212 0.72 27.09 -3.73
C PRO C 212 -0.47 26.43 -3.03
N ALA C 213 -0.95 25.31 -3.49
CA ALA C 213 -1.97 24.60 -2.78
C ALA C 213 -1.67 24.40 -1.28
N ASP C 214 -0.45 23.99 -0.90
CA ASP C 214 -0.05 23.85 0.53
C ASP C 214 -0.23 25.18 1.30
N ALA C 215 0.24 26.27 0.71
CA ALA C 215 0.17 27.54 1.38
C ALA C 215 -1.31 27.88 1.58
N ALA C 216 -2.16 27.67 0.59
CA ALA C 216 -3.57 28.00 0.75
C ALA C 216 -4.29 27.05 1.73
N LEU C 217 -3.93 25.77 1.72
CA LEU C 217 -4.39 24.82 2.74
C LEU C 217 -4.15 25.36 4.17
N LEU C 218 -2.97 25.89 4.42
CA LEU C 218 -2.65 26.24 5.78
C LEU C 218 -3.40 27.47 6.19
N MET C 219 -3.58 28.39 5.24
CA MET C 219 -4.41 29.60 5.47
C MET C 219 -5.87 29.21 5.69
N GLN C 220 -6.43 28.30 4.91
CA GLN C 220 -7.83 27.92 5.14
C GLN C 220 -7.93 27.19 6.46
N LEU C 221 -6.83 26.59 6.96
CA LEU C 221 -6.89 26.08 8.33
C LEU C 221 -6.75 27.17 9.37
N GLY C 222 -6.62 28.45 8.97
CA GLY C 222 -6.58 29.50 10.02
C GLY C 222 -5.21 30.05 10.39
N CYS C 223 -4.13 29.62 9.72
CA CYS C 223 -2.88 30.27 9.89
C CYS C 223 -2.97 31.72 9.45
N ASP C 224 -2.11 32.58 10.00
CA ASP C 224 -2.09 33.96 9.59
C ASP C 224 -1.08 34.21 8.51
N GLY C 225 -0.41 33.17 8.01
CA GLY C 225 0.69 33.42 7.02
C GLY C 225 1.60 32.21 6.98
N VAL C 226 2.60 32.21 6.11
CA VAL C 226 3.45 31.04 5.96
C VAL C 226 4.93 31.30 5.62
N PHE C 227 5.79 30.53 6.27
CA PHE C 227 7.24 30.46 5.99
C PHE C 227 7.43 29.39 4.91
N VAL C 228 8.28 29.72 3.91
CA VAL C 228 8.76 28.77 2.92
C VAL C 228 10.29 28.78 2.90
N GLY C 229 10.86 27.64 2.61
CA GLY C 229 12.29 27.39 2.76
C GLY C 229 12.99 27.46 1.44
N SER C 230 14.27 27.09 1.48
CA SER C 230 15.16 27.13 0.30
C SER C 230 14.66 26.36 -0.91
N GLY C 231 13.66 25.47 -0.75
CA GLY C 231 12.99 24.79 -1.91
C GLY C 231 12.51 25.67 -3.08
N ILE C 232 12.04 26.88 -2.78
CA ILE C 232 11.73 27.87 -3.83
C ILE C 232 12.92 27.94 -4.73
N PHE C 233 14.10 28.00 -4.13
CA PHE C 233 15.25 28.36 -4.94
C PHE C 233 15.92 27.15 -5.58
N LYS C 234 15.38 25.96 -5.30
CA LYS C 234 15.85 24.76 -6.00
C LYS C 234 15.01 24.42 -7.25
N SER C 235 13.82 25.01 -7.36
CA SER C 235 12.94 24.85 -8.50
C SER C 235 13.58 25.48 -9.73
N SER C 236 13.22 24.99 -10.92
CA SER C 236 13.73 25.58 -12.17
C SER C 236 13.44 27.09 -12.29
N ASN C 237 12.23 27.51 -11.89
CA ASN C 237 11.90 28.95 -11.90
C ASN C 237 11.44 29.48 -10.55
N PRO C 238 12.40 29.96 -9.74
CA PRO C 238 12.20 30.46 -8.37
C PRO C 238 11.24 31.64 -8.37
N VAL C 239 11.40 32.52 -9.34
CA VAL C 239 10.58 33.72 -9.49
C VAL C 239 9.13 33.30 -9.68
N ARG C 240 8.90 32.32 -10.54
CA ARG C 240 7.57 31.85 -10.82
C ARG C 240 6.95 31.17 -9.59
N LEU C 241 7.74 30.31 -8.91
CA LEU C 241 7.20 29.56 -7.76
C LEU C 241 6.92 30.52 -6.58
N ALA C 242 7.90 31.38 -6.30
CA ALA C 242 7.77 32.34 -5.22
C ALA C 242 6.51 33.26 -5.42
N THR C 243 6.33 33.76 -6.62
CA THR C 243 5.17 34.54 -6.97
C THR C 243 3.89 33.77 -6.82
N ALA C 244 3.92 32.50 -7.21
CA ALA C 244 2.73 31.70 -7.15
C ALA C 244 2.33 31.41 -5.65
N VAL C 245 3.32 31.22 -4.78
CA VAL C 245 3.06 30.95 -3.36
C VAL C 245 2.51 32.22 -2.72
N VAL C 246 3.16 33.37 -2.98
CA VAL C 246 2.57 34.64 -2.54
C VAL C 246 1.13 34.85 -3.01
N GLU C 247 0.84 34.58 -4.27
CA GLU C 247 -0.53 34.84 -4.74
C GLU C 247 -1.49 33.89 -4.05
N ALA C 248 -1.03 32.67 -3.70
CA ALA C 248 -1.94 31.66 -3.14
C ALA C 248 -2.20 31.94 -1.66
N THR C 249 -1.18 32.43 -0.96
CA THR C 249 -1.34 32.88 0.40
C THR C 249 -2.35 34.04 0.50
N THR C 250 -2.25 34.99 -0.45
CA THR C 250 -3.15 36.12 -0.54
C THR C 250 -4.56 35.74 -0.96
N HIS C 251 -4.72 34.97 -2.05
CA HIS C 251 -6.03 34.58 -2.53
C HIS C 251 -6.34 33.14 -2.07
N PHE C 252 -6.14 32.88 -0.80
CA PHE C 252 -6.13 31.51 -0.30
C PHE C 252 -7.48 30.84 -0.34
N ASP C 253 -8.52 31.64 -0.48
CA ASP C 253 -9.83 31.01 -0.57
C ASP C 253 -10.57 31.18 -1.89
N ASN C 254 -9.81 31.23 -2.98
CA ASN C 254 -10.38 31.51 -4.29
C ASN C 254 -9.92 30.44 -5.23
N PRO C 255 -10.74 29.40 -5.46
CA PRO C 255 -10.24 28.24 -6.26
C PRO C 255 -9.70 28.54 -7.67
N SER C 256 -10.43 29.32 -8.47
CA SER C 256 -10.00 29.62 -9.84
C SER C 256 -8.64 30.28 -9.85
N LYS C 257 -8.41 31.14 -8.88
CA LYS C 257 -7.09 31.80 -8.77
C LYS C 257 -6.06 30.77 -8.37
N LEU C 258 -6.42 29.90 -7.41
CA LEU C 258 -5.50 28.82 -6.99
C LEU C 258 -5.18 27.93 -8.18
N LEU C 259 -6.19 27.64 -9.03
CA LEU C 259 -5.95 26.81 -10.21
C LEU C 259 -4.93 27.44 -11.12
N GLU C 260 -5.14 28.73 -11.40
CA GLU C 260 -4.31 29.47 -12.32
C GLU C 260 -2.85 29.54 -11.82
N VAL C 261 -2.66 29.87 -10.55
CA VAL C 261 -1.28 29.91 -10.17
C VAL C 261 -0.61 28.52 -10.12
N SER C 262 -1.41 27.43 -9.99
CA SER C 262 -0.84 26.07 -9.89
C SER C 262 -0.53 25.46 -11.23
N SER C 263 -1.02 26.06 -12.32
CA SER C 263 -0.92 25.40 -13.63
C SER C 263 0.39 25.69 -14.32
N ASP C 264 1.05 24.65 -14.82
CA ASP C 264 2.35 24.78 -15.50
C ASP C 264 3.42 25.35 -14.53
N LEU C 265 3.57 24.68 -13.40
CA LEU C 265 4.54 25.09 -12.38
C LEU C 265 5.97 24.54 -12.52
N GLY C 266 6.20 23.54 -13.38
CA GLY C 266 7.57 23.05 -13.69
C GLY C 266 8.18 22.10 -12.65
N GLU C 267 9.51 21.99 -12.62
CA GLU C 267 10.19 21.19 -11.60
C GLU C 267 9.90 21.74 -10.19
#